data_3TJF
#
_entry.id   3TJF
#
_cell.length_a   108.348
_cell.length_b   138.849
_cell.length_c   96.236
_cell.angle_alpha   90.00
_cell.angle_beta   103.97
_cell.angle_gamma   90.00
#
_symmetry.space_group_name_H-M   'C 1 2 1'
#
loop_
_entity.id
_entity.type
_entity.pdbx_description
1 polymer Peroxiredoxin-4
2 non-polymer 'SULFATE ION'
3 water water
#
_entity_poly.entity_id   1
_entity_poly.type   'polypeptide(L)'
_entity_poly.pdbx_seq_one_letter_code
;MGSSHHHHHHSQDPLVPRGSWETEERPRTREEEAHFYAGGQVYPGEASRVSVADHSLHLSKAKISKPAPYWEGTAVIDGE
FKELKLTDYRGKYLVFFFYPLDFTFVCPTEIIAFGDRLEEFRSINTEVVACSVDSQFTHLAWINTPRRQGGLGPIRIPLL
SDLTHQISKDYGVYLEDSGHTLRGLFIIDDKGILRQITLNDLPVGRSVDETLRLVQAFQYTDKHGEVCPAGWKPGSETII
PDPAGKLKYFDKLN
;
_entity_poly.pdbx_strand_id   A,B,C,D,E
#
loop_
_chem_comp.id
_chem_comp.type
_chem_comp.name
_chem_comp.formula
SO4 non-polymer 'SULFATE ION' 'O4 S -2'
#
# COMPACT_ATOMS: atom_id res chain seq x y z
N HIS A 58 3.77 17.41 19.64
CA HIS A 58 4.42 16.90 20.90
C HIS A 58 5.51 15.83 20.64
N LEU A 59 6.75 16.18 20.98
CA LEU A 59 7.93 15.33 20.75
C LEU A 59 8.58 14.91 22.07
N SER A 60 9.12 13.69 22.12
CA SER A 60 9.71 13.11 23.32
C SER A 60 10.54 11.88 22.89
N LYS A 61 11.53 11.46 23.68
CA LYS A 61 12.20 10.15 23.43
C LYS A 61 11.67 9.00 24.32
N ALA A 62 10.72 9.28 25.18
CA ALA A 62 10.22 8.28 26.07
C ALA A 62 9.17 7.45 25.34
N LYS A 63 9.43 6.15 25.17
CA LYS A 63 8.46 5.25 24.52
C LYS A 63 8.41 3.98 25.34
N ILE A 64 7.20 3.52 25.63
CA ILE A 64 6.96 2.32 26.39
C ILE A 64 7.56 1.14 25.61
N SER A 65 8.22 0.26 26.33
CA SER A 65 8.84 -0.95 25.80
C SER A 65 10.16 -0.67 25.10
N LYS A 66 10.64 0.58 25.12
CA LYS A 66 11.97 0.94 24.63
C LYS A 66 12.84 1.41 25.82
N PRO A 67 14.18 1.40 25.67
CA PRO A 67 15.02 1.87 26.79
C PRO A 67 14.57 3.26 27.19
N ALA A 68 14.36 3.49 28.50
CA ALA A 68 14.12 4.85 29.02
C ALA A 68 15.26 5.77 28.58
N PRO A 69 14.94 7.03 28.21
CA PRO A 69 15.97 7.93 27.77
C PRO A 69 17.01 8.18 28.89
N TYR A 70 18.28 8.12 28.51
CA TYR A 70 19.38 8.29 29.42
C TYR A 70 19.34 9.67 30.02
N TRP A 71 19.61 9.76 31.31
CA TRP A 71 19.78 11.07 31.94
C TRP A 71 20.92 11.00 32.91
N GLU A 72 21.53 12.16 33.15
CA GLU A 72 22.54 12.33 34.21
C GLU A 72 22.46 13.76 34.72
N GLY A 73 22.85 13.97 35.98
CA GLY A 73 22.81 15.34 36.49
C GLY A 73 23.20 15.40 37.94
N THR A 74 23.18 16.59 38.49
CA THR A 74 23.44 16.69 39.93
C THR A 74 22.15 16.51 40.71
N ALA A 75 22.21 15.63 41.69
CA ALA A 75 21.11 15.42 42.62
C ALA A 75 21.55 15.79 44.05
N VAL A 76 20.58 16.15 44.88
CA VAL A 76 20.80 16.27 46.31
C VAL A 76 20.43 14.94 46.95
N ILE A 77 21.42 14.32 47.59
CA ILE A 77 21.22 13.05 48.26
C ILE A 77 21.79 13.15 49.68
N ASP A 78 20.92 12.96 50.67
CA ASP A 78 21.30 13.09 52.08
C ASP A 78 22.03 14.41 52.33
N GLY A 79 21.48 15.47 51.75
CA GLY A 79 21.97 16.82 51.92
C GLY A 79 23.29 17.13 51.22
N GLU A 80 23.73 16.25 50.32
CA GLU A 80 24.96 16.51 49.56
C GLU A 80 24.70 16.49 48.05
N PHE A 81 25.50 17.24 47.30
CA PHE A 81 25.46 17.21 45.85
C PHE A 81 26.19 15.95 45.34
N LYS A 82 25.50 15.12 44.57
CA LYS A 82 26.11 13.92 43.93
C LYS A 82 25.77 13.84 42.44
N GLU A 83 26.69 13.33 41.64
CA GLU A 83 26.37 13.02 40.24
CA GLU A 83 26.37 13.04 40.26
C GLU A 83 25.49 11.78 40.24
N LEU A 84 24.35 11.84 39.56
CA LEU A 84 23.46 10.69 39.46
C LEU A 84 23.16 10.38 37.99
N LYS A 85 23.07 9.09 37.65
CA LYS A 85 22.83 8.68 36.26
C LYS A 85 21.69 7.67 36.23
N LEU A 86 20.86 7.69 35.18
CA LEU A 86 19.83 6.66 35.02
C LEU A 86 20.45 5.26 35.21
N THR A 87 21.64 5.06 34.68
CA THR A 87 22.24 3.70 34.66
C THR A 87 22.73 3.25 36.03
N ASP A 88 22.78 4.18 37.00
CA ASP A 88 23.07 3.83 38.39
C ASP A 88 22.02 2.87 38.96
N TYR A 89 20.83 2.89 38.37
CA TYR A 89 19.67 2.10 38.83
C TYR A 89 19.45 0.80 38.12
N ARG A 90 20.26 0.51 37.11
CA ARG A 90 20.16 -0.77 36.45
C ARG A 90 20.13 -1.87 37.49
N GLY A 91 19.32 -2.89 37.24
CA GLY A 91 19.27 -4.06 38.16
C GLY A 91 18.16 -3.87 39.16
N LYS A 92 17.48 -2.70 39.16
CA LYS A 92 16.32 -2.52 40.05
C LYS A 92 15.27 -1.74 39.29
N TYR A 93 14.01 -1.86 39.70
CA TYR A 93 12.96 -0.99 39.17
C TYR A 93 13.24 0.42 39.62
N LEU A 94 12.83 1.38 38.81
CA LEU A 94 12.94 2.77 39.22
C LEU A 94 11.62 3.49 38.96
N VAL A 95 11.17 4.22 39.97
CA VAL A 95 10.08 5.16 39.81
C VAL A 95 10.71 6.52 39.65
N PHE A 96 10.64 7.08 38.45
CA PHE A 96 11.27 8.36 38.14
C PHE A 96 10.18 9.37 37.86
N PHE A 97 10.08 10.42 38.67
CA PHE A 97 8.97 11.31 38.52
C PHE A 97 9.38 12.79 38.58
N PHE A 98 8.70 13.60 37.77
CA PHE A 98 8.99 15.03 37.71
C PHE A 98 7.92 15.71 38.51
N TYR A 99 8.26 16.84 39.09
CA TYR A 99 7.26 17.69 39.73
C TYR A 99 7.59 19.14 39.29
N PRO A 100 6.59 20.01 39.24
CA PRO A 100 6.82 21.33 38.65
C PRO A 100 7.95 22.17 39.30
N LEU A 101 7.82 22.55 40.56
CA LEU A 101 8.72 23.59 41.13
C LEU A 101 8.91 23.43 42.63
N ASP A 102 10.14 23.60 43.07
CA ASP A 102 10.45 23.74 44.48
C ASP A 102 9.72 24.92 45.09
N PHE A 103 9.45 24.83 46.39
CA PHE A 103 8.77 25.88 47.14
C PHE A 103 7.33 26.13 46.62
N THR A 104 6.68 25.12 46.05
CA THR A 104 5.24 25.23 45.72
C THR A 104 4.37 24.32 46.61
N PHE A 105 3.37 23.64 46.00
CA PHE A 105 2.13 23.26 46.73
C PHE A 105 1.83 21.76 46.71
N VAL A 106 1.34 21.23 45.58
CA VAL A 106 1.20 19.78 45.43
C VAL A 106 2.57 19.02 45.45
N CYS A 107 3.60 19.65 44.87
CA CYS A 107 4.91 19.02 44.74
C CYS A 107 5.51 18.42 46.07
N PRO A 108 5.58 19.20 47.16
CA PRO A 108 6.11 18.68 48.44
C PRO A 108 5.31 17.49 49.05
N THR A 109 3.99 17.51 48.89
CA THR A 109 3.13 16.41 49.36
C THR A 109 3.46 15.11 48.63
N GLU A 110 3.81 15.21 47.33
CA GLU A 110 4.13 14.03 46.55
C GLU A 110 5.50 13.48 46.94
N ILE A 111 6.48 14.38 47.07
CA ILE A 111 7.81 13.98 47.49
C ILE A 111 7.75 13.35 48.89
N ILE A 112 6.99 13.98 49.77
CA ILE A 112 6.82 13.47 51.13
C ILE A 112 6.03 12.15 51.14
N ALA A 113 4.98 12.06 50.31
CA ALA A 113 4.19 10.85 50.23
C ALA A 113 5.08 9.64 49.86
N PHE A 114 5.91 9.77 48.84
CA PHE A 114 6.80 8.69 48.44
C PHE A 114 7.93 8.43 49.44
N GLY A 115 8.52 9.52 49.93
CA GLY A 115 9.60 9.50 50.92
C GLY A 115 9.19 8.83 52.19
N ASP A 116 7.99 9.14 52.68
CA ASP A 116 7.50 8.48 53.90
C ASP A 116 7.22 7.00 53.71
N ARG A 117 7.04 6.55 52.46
CA ARG A 117 6.69 5.15 52.24
C ARG A 117 7.75 4.39 51.45
N LEU A 118 8.97 4.93 51.47
CA LEU A 118 10.07 4.43 50.65
C LEU A 118 10.41 2.96 50.92
N GLU A 119 10.30 2.53 52.18
CA GLU A 119 10.61 1.14 52.53
CA GLU A 119 10.55 1.13 52.60
C GLU A 119 9.69 0.15 51.82
N GLU A 120 8.48 0.58 51.46
CA GLU A 120 7.58 -0.28 50.69
C GLU A 120 8.14 -0.45 49.27
N PHE A 121 8.85 0.55 48.76
CA PHE A 121 9.53 0.40 47.47
C PHE A 121 10.81 -0.45 47.57
N ARG A 122 11.63 -0.11 48.57
CA ARG A 122 12.94 -0.73 48.76
C ARG A 122 12.75 -2.21 49.00
N SER A 123 11.67 -2.57 49.69
CA SER A 123 11.45 -3.96 49.97
C SER A 123 10.94 -4.74 48.75
N ILE A 124 10.56 -4.07 47.66
CA ILE A 124 10.36 -4.77 46.38
C ILE A 124 11.44 -4.37 45.36
N ASN A 125 12.65 -4.05 45.86
CA ASN A 125 13.79 -3.80 44.98
C ASN A 125 13.56 -2.65 44.02
N THR A 126 12.97 -1.58 44.52
CA THR A 126 12.58 -0.47 43.66
C THR A 126 13.06 0.82 44.34
N GLU A 127 13.70 1.70 43.54
CA GLU A 127 14.11 3.00 44.02
C GLU A 127 13.18 4.08 43.49
N VAL A 128 13.29 5.26 44.08
CA VAL A 128 12.51 6.40 43.69
C VAL A 128 13.45 7.61 43.54
N VAL A 129 13.29 8.38 42.45
CA VAL A 129 14.08 9.59 42.20
C VAL A 129 13.07 10.64 41.75
N ALA A 130 13.14 11.83 42.33
CA ALA A 130 12.29 12.97 41.91
C ALA A 130 13.13 14.03 41.16
N CYS A 131 12.51 14.78 40.24
CA CYS A 131 13.25 15.75 39.42
C CYS A 131 12.35 16.97 39.14
N SER A 132 12.93 18.18 39.26
CA SER A 132 12.31 19.40 38.72
C SER A 132 13.43 20.20 38.01
N VAL A 133 13.05 21.29 37.36
CA VAL A 133 13.97 22.18 36.66
C VAL A 133 14.75 23.06 37.62
N ASP A 134 14.39 23.07 38.92
CA ASP A 134 15.16 23.88 39.89
C ASP A 134 16.62 23.45 40.04
N SER A 135 17.49 24.37 40.49
CA SER A 135 18.89 24.03 40.73
C SER A 135 19.03 23.11 41.95
N GLN A 136 20.18 22.46 42.07
CA GLN A 136 20.53 21.71 43.27
C GLN A 136 20.60 22.62 44.53
N PHE A 137 21.00 23.88 44.37
CA PHE A 137 21.07 24.85 45.47
C PHE A 137 19.67 25.17 45.97
N THR A 138 18.74 25.31 45.04
CA THR A 138 17.33 25.45 45.42
C THR A 138 16.79 24.18 46.11
N HIS A 139 17.11 23.00 45.56
CA HIS A 139 16.70 21.74 46.17
C HIS A 139 17.18 21.64 47.62
N LEU A 140 18.43 22.04 47.87
CA LEU A 140 19.00 21.94 49.22
C LEU A 140 18.37 22.95 50.18
N ALA A 141 18.10 24.17 49.71
CA ALA A 141 17.38 25.14 50.51
C ALA A 141 16.00 24.61 50.90
N TRP A 142 15.35 23.88 49.99
CA TRP A 142 13.99 23.44 50.19
C TRP A 142 13.95 22.30 51.19
N ILE A 143 14.94 21.41 51.07
CA ILE A 143 15.15 20.35 52.05
C ILE A 143 15.44 20.97 53.44
N ASN A 144 16.22 22.06 53.46
CA ASN A 144 16.54 22.74 54.72
C ASN A 144 15.43 23.65 55.26
N THR A 145 14.25 23.64 54.63
CA THR A 145 13.09 24.40 55.10
C THR A 145 12.09 23.44 55.78
N PRO A 146 11.63 23.76 57.01
CA PRO A 146 10.76 22.85 57.77
C PRO A 146 9.47 22.52 57.04
N ARG A 147 9.03 21.26 57.12
CA ARG A 147 7.79 20.82 56.47
C ARG A 147 6.57 21.71 56.70
N ARG A 148 6.53 22.37 57.86
CA ARG A 148 5.37 23.19 58.23
C ARG A 148 5.30 24.51 57.44
N GLN A 149 6.43 24.92 56.83
CA GLN A 149 6.44 26.08 55.95
CA GLN A 149 6.46 26.08 55.94
C GLN A 149 6.40 25.65 54.47
N GLY A 150 5.87 24.46 54.23
CA GLY A 150 5.80 23.93 52.86
C GLY A 150 7.14 23.43 52.34
N GLY A 151 8.08 23.22 53.28
CA GLY A 151 9.41 22.79 52.95
C GLY A 151 9.41 21.30 52.92
N LEU A 152 10.53 20.70 52.56
CA LEU A 152 10.52 19.26 52.51
C LEU A 152 10.94 18.64 53.81
N GLY A 153 11.75 19.36 54.60
CA GLY A 153 12.52 18.74 55.69
C GLY A 153 13.47 17.67 55.15
N PRO A 154 14.15 16.94 56.05
CA PRO A 154 14.98 15.83 55.59
C PRO A 154 14.19 14.85 54.71
N ILE A 155 14.83 14.27 53.69
CA ILE A 155 14.13 13.37 52.77
C ILE A 155 15.11 12.29 52.30
N ARG A 156 14.63 11.08 52.05
CA ARG A 156 15.54 10.02 51.58
C ARG A 156 15.49 9.75 50.07
N ILE A 157 14.76 10.58 49.33
CA ILE A 157 14.68 10.43 47.87
C ILE A 157 15.64 11.46 47.23
N PRO A 158 16.46 11.02 46.27
CA PRO A 158 17.27 12.04 45.59
C PRO A 158 16.38 13.07 44.89
N LEU A 159 16.77 14.34 44.94
CA LEU A 159 16.13 15.40 44.14
C LEU A 159 17.10 15.75 43.06
N LEU A 160 16.78 15.31 41.83
CA LEU A 160 17.62 15.54 40.67
C LEU A 160 17.31 16.93 40.12
N SER A 161 18.35 17.68 39.74
CA SER A 161 18.18 19.01 39.11
C SER A 161 18.24 18.93 37.60
N ASP A 162 17.26 19.47 36.90
CA ASP A 162 17.26 19.52 35.44
C ASP A 162 17.26 21.00 34.98
N LEU A 163 18.27 21.73 35.43
CA LEU A 163 18.41 23.13 35.12
C LEU A 163 18.45 23.43 33.63
N THR A 164 19.09 22.58 32.82
CA THR A 164 19.14 22.87 31.38
C THR A 164 17.84 22.53 30.63
N HIS A 165 16.91 21.84 31.32
CA HIS A 165 15.67 21.33 30.72
C HIS A 165 15.81 20.13 29.77
N GLN A 166 17.02 19.65 29.55
CA GLN A 166 17.21 18.55 28.62
C GLN A 166 16.50 17.27 29.06
N ILE A 167 16.52 16.96 30.35
CA ILE A 167 15.92 15.71 30.83
C ILE A 167 14.39 15.75 30.66
N SER A 168 13.78 16.87 31.05
CA SER A 168 12.34 17.12 30.92
C SER A 168 11.87 17.01 29.47
N LYS A 169 12.66 17.58 28.56
CA LYS A 169 12.36 17.54 27.11
C LYS A 169 12.45 16.12 26.57
N ASP A 170 13.49 15.41 27.00
CA ASP A 170 13.66 14.02 26.58
C ASP A 170 12.48 13.16 27.04
N TYR A 171 11.95 13.46 28.23
CA TYR A 171 10.80 12.72 28.79
C TYR A 171 9.42 13.24 28.34
N GLY A 172 9.41 14.28 27.51
CA GLY A 172 8.15 14.89 27.02
C GLY A 172 7.27 15.51 28.10
N VAL A 173 7.85 16.07 29.15
CA VAL A 173 7.08 16.62 30.27
C VAL A 173 7.33 18.12 30.46
N TYR A 174 8.15 18.71 29.59
CA TYR A 174 8.55 20.07 29.75
C TYR A 174 7.42 20.94 29.16
N LEU A 175 7.03 21.99 29.89
CA LEU A 175 6.01 22.96 29.41
C LEU A 175 6.71 24.23 28.91
N GLU A 176 6.76 24.34 27.59
CA GLU A 176 7.50 25.42 26.93
CA GLU A 176 7.47 25.41 26.90
C GLU A 176 7.03 26.81 27.31
N ASP A 177 5.74 27.00 27.53
CA ASP A 177 5.22 28.31 27.90
CA ASP A 177 5.23 28.33 27.89
C ASP A 177 5.45 28.62 29.38
N SER A 178 5.66 27.58 30.19
CA SER A 178 5.84 27.82 31.64
C SER A 178 7.29 27.71 32.13
N GLY A 179 8.14 26.99 31.43
CA GLY A 179 9.51 26.87 31.90
C GLY A 179 9.69 25.80 32.95
N HIS A 180 8.70 24.92 33.14
CA HIS A 180 8.88 23.84 34.11
C HIS A 180 8.07 22.65 33.62
N THR A 181 8.10 21.52 34.35
CA THR A 181 7.39 20.33 33.92
C THR A 181 5.96 20.24 34.43
N LEU A 182 5.15 19.39 33.77
CA LEU A 182 3.95 18.91 34.43
C LEU A 182 4.28 17.77 35.43
N ARG A 183 3.28 17.06 35.95
CA ARG A 183 3.50 15.93 36.86
C ARG A 183 3.58 14.64 36.06
N GLY A 184 4.79 14.27 35.68
CA GLY A 184 5.01 13.09 34.86
C GLY A 184 5.72 12.07 35.70
N LEU A 185 5.23 10.84 35.68
CA LEU A 185 5.86 9.76 36.42
C LEU A 185 6.13 8.64 35.45
N PHE A 186 7.29 7.97 35.62
CA PHE A 186 7.78 6.94 34.71
C PHE A 186 8.18 5.75 35.51
N ILE A 187 7.74 4.57 35.10
CA ILE A 187 8.24 3.32 35.74
C ILE A 187 9.17 2.58 34.80
N ILE A 188 10.38 2.35 35.28
CA ILE A 188 11.44 1.85 34.46
C ILE A 188 11.91 0.53 35.09
N ASP A 189 12.05 -0.52 34.29
CA ASP A 189 12.41 -1.84 34.86
C ASP A 189 13.90 -2.01 35.14
N ASP A 190 14.30 -3.20 35.63
CA ASP A 190 15.70 -3.44 36.02
C ASP A 190 16.68 -3.46 34.80
N LYS A 191 16.12 -3.57 33.59
CA LYS A 191 16.86 -3.60 32.33
C LYS A 191 16.90 -2.22 31.70
N GLY A 192 16.27 -1.25 32.34
CA GLY A 192 16.27 0.11 31.79
C GLY A 192 15.13 0.39 30.80
N ILE A 193 14.14 -0.50 30.71
CA ILE A 193 13.05 -0.39 29.76
C ILE A 193 11.88 0.44 30.35
N LEU A 194 11.38 1.40 29.59
CA LEU A 194 10.22 2.16 30.10
C LEU A 194 8.92 1.28 30.07
N ARG A 195 8.26 1.15 31.22
CA ARG A 195 7.08 0.27 31.31
C ARG A 195 5.78 1.02 31.46
N GLN A 196 5.83 2.27 31.96
CA GLN A 196 4.60 2.93 32.34
C GLN A 196 4.84 4.40 32.33
N ILE A 197 3.84 5.11 31.85
CA ILE A 197 3.89 6.58 31.82
C ILE A 197 2.61 7.16 32.40
N THR A 198 2.72 8.06 33.39
CA THR A 198 1.55 8.69 34.00
C THR A 198 1.78 10.18 33.94
N LEU A 199 0.95 10.92 33.20
CA LEU A 199 1.11 12.40 33.13
C LEU A 199 -0.15 13.10 33.68
N ASN A 200 0.01 13.91 34.73
CA ASN A 200 -1.10 14.66 35.31
C ASN A 200 -0.97 16.13 34.96
N ASP A 201 -2.07 16.79 34.61
CA ASP A 201 -2.09 18.25 34.62
C ASP A 201 -1.76 18.78 36.03
N LEU A 202 -1.32 20.02 36.11
CA LEU A 202 -0.78 20.62 37.34
C LEU A 202 -1.60 20.49 38.65
N PRO A 203 -2.94 20.64 38.57
CA PRO A 203 -3.72 20.67 39.81
C PRO A 203 -3.88 19.37 40.61
N VAL A 204 -3.48 18.21 40.09
CA VAL A 204 -3.87 16.93 40.72
C VAL A 204 -2.64 16.04 40.91
N GLY A 205 -2.46 15.57 42.15
CA GLY A 205 -1.26 14.85 42.51
C GLY A 205 -1.41 13.38 42.21
N ARG A 206 -0.30 12.65 42.29
CA ARG A 206 -0.26 11.24 41.98
C ARG A 206 -0.54 10.38 43.21
N SER A 207 -0.53 9.06 43.03
CA SER A 207 -0.90 8.15 44.07
C SER A 207 0.23 7.14 44.30
N VAL A 208 0.70 7.08 45.55
CA VAL A 208 1.69 6.12 45.93
C VAL A 208 1.14 4.69 45.82
N ASP A 209 -0.09 4.44 46.32
CA ASP A 209 -0.77 3.16 46.19
C ASP A 209 -0.82 2.66 44.73
N GLU A 210 -1.34 3.49 43.83
CA GLU A 210 -1.37 3.09 42.40
C GLU A 210 0.05 2.78 41.85
N THR A 211 1.05 3.58 42.24
CA THR A 211 2.43 3.39 41.76
C THR A 211 3.00 2.03 42.24
N LEU A 212 2.77 1.70 43.51
CA LEU A 212 3.17 0.39 44.06
C LEU A 212 2.49 -0.74 43.33
N ARG A 213 1.18 -0.59 43.11
CA ARG A 213 0.39 -1.62 42.43
C ARG A 213 1.01 -1.93 41.04
N LEU A 214 1.29 -0.86 40.30
CA LEU A 214 1.87 -1.00 38.97
C LEU A 214 3.23 -1.68 39.05
N VAL A 215 4.09 -1.26 39.99
CA VAL A 215 5.44 -1.83 40.03
C VAL A 215 5.30 -3.30 40.38
N GLN A 216 4.47 -3.63 41.38
CA GLN A 216 4.25 -5.03 41.74
C GLN A 216 3.74 -5.85 40.56
N ALA A 217 2.82 -5.27 39.78
CA ALA A 217 2.28 -5.97 38.61
C ALA A 217 3.34 -6.20 37.52
N PHE A 218 4.15 -5.20 37.21
CA PHE A 218 5.21 -5.42 36.21
C PHE A 218 6.20 -6.50 36.66
N GLN A 219 6.48 -6.50 37.96
CA GLN A 219 7.46 -7.47 38.46
C GLN A 219 6.85 -8.85 38.40
N TYR A 220 5.56 -8.95 38.70
CA TYR A 220 4.85 -10.23 38.61
C TYR A 220 4.89 -10.77 37.18
N THR A 221 4.50 -9.94 36.22
CA THR A 221 4.49 -10.39 34.80
C THR A 221 5.91 -10.60 34.24
N ASP A 222 6.92 -9.89 34.75
CA ASP A 222 8.31 -10.17 34.34
C ASP A 222 8.69 -11.60 34.79
N LYS A 223 8.22 -12.00 35.96
CA LYS A 223 8.65 -13.24 36.58
C LYS A 223 7.80 -14.48 36.13
N HIS A 224 6.51 -14.28 35.88
CA HIS A 224 5.62 -15.41 35.56
C HIS A 224 5.15 -15.33 34.10
N GLY A 225 4.63 -16.44 33.59
CA GLY A 225 4.04 -16.44 32.25
C GLY A 225 2.67 -15.74 32.13
N GLU A 226 2.14 -15.22 33.23
CA GLU A 226 0.75 -14.75 33.23
C GLU A 226 0.66 -13.22 33.13
N VAL A 227 -0.49 -12.71 32.73
CA VAL A 227 -0.69 -11.26 32.68
C VAL A 227 -1.73 -10.81 33.73
N CYS A 228 -1.68 -9.53 34.08
CA CYS A 228 -2.46 -8.92 35.17
C CYS A 228 -3.75 -8.21 34.71
N PRO A 229 -4.92 -8.73 35.16
CA PRO A 229 -6.23 -8.10 34.87
C PRO A 229 -6.34 -6.68 35.42
N ALA A 230 -7.35 -5.95 34.92
CA ALA A 230 -7.76 -4.66 35.49
C ALA A 230 -7.84 -4.79 37.01
N GLY A 231 -7.23 -3.84 37.72
CA GLY A 231 -7.33 -3.76 39.18
C GLY A 231 -6.51 -4.78 39.94
N TRP A 232 -5.70 -5.61 39.25
CA TRP A 232 -4.88 -6.65 39.92
C TRP A 232 -4.07 -6.08 41.09
N LYS A 233 -4.04 -6.81 42.21
CA LYS A 233 -3.12 -6.52 43.31
C LYS A 233 -2.46 -7.85 43.67
N PRO A 234 -1.35 -7.84 44.45
CA PRO A 234 -0.76 -9.13 44.90
C PRO A 234 -1.83 -10.05 45.50
N GLY A 235 -1.88 -11.30 45.05
CA GLY A 235 -2.89 -12.27 45.47
C GLY A 235 -4.10 -12.43 44.54
N SER A 236 -4.29 -11.51 43.58
CA SER A 236 -5.43 -11.59 42.65
C SER A 236 -5.20 -12.63 41.54
N GLU A 237 -6.28 -13.08 40.91
CA GLU A 237 -6.19 -13.99 39.77
CA GLU A 237 -6.22 -13.98 39.76
C GLU A 237 -5.48 -13.33 38.58
N THR A 238 -4.68 -14.13 37.87
CA THR A 238 -3.99 -13.70 36.66
C THR A 238 -4.43 -14.57 35.48
N ILE A 239 -4.01 -14.20 34.27
CA ILE A 239 -4.47 -14.88 33.04
C ILE A 239 -3.31 -15.46 32.23
N ILE A 240 -3.46 -16.70 31.78
CA ILE A 240 -2.51 -17.28 30.83
C ILE A 240 -2.82 -16.70 29.46
N PRO A 241 -1.85 -15.96 28.86
CA PRO A 241 -2.11 -15.23 27.60
C PRO A 241 -2.06 -16.18 26.39
N ASP A 242 -3.05 -17.06 26.32
CA ASP A 242 -3.16 -18.09 25.28
C ASP A 242 -4.68 -18.28 25.00
N PRO A 243 -5.09 -18.45 23.73
CA PRO A 243 -6.52 -18.69 23.41
C PRO A 243 -7.17 -19.83 24.22
N ALA A 244 -6.42 -20.93 24.44
CA ALA A 244 -6.88 -22.04 25.29
C ALA A 244 -6.65 -21.77 26.80
N GLY A 245 -5.40 -21.50 27.19
CA GLY A 245 -5.03 -21.22 28.59
C GLY A 245 -5.84 -20.16 29.32
N LYS A 246 -6.26 -19.11 28.59
CA LYS A 246 -7.07 -18.00 29.15
C LYS A 246 -8.39 -18.48 29.77
N LEU A 247 -8.91 -19.64 29.32
CA LEU A 247 -10.22 -20.13 29.76
C LEU A 247 -10.22 -20.57 31.23
N LYS A 248 -9.01 -20.83 31.77
CA LYS A 248 -8.84 -21.13 33.19
C LYS A 248 -9.29 -19.93 34.03
N TYR A 249 -8.81 -18.75 33.65
CA TYR A 249 -9.23 -17.52 34.29
C TYR A 249 -10.73 -17.20 34.03
N PHE A 250 -11.14 -17.11 32.76
CA PHE A 250 -12.50 -16.61 32.42
C PHE A 250 -13.65 -17.52 32.80
N ASP A 251 -13.45 -18.83 32.71
CA ASP A 251 -14.56 -19.74 32.96
C ASP A 251 -15.08 -19.52 34.39
N LYS A 252 -16.20 -18.80 34.48
CA LYS A 252 -16.76 -18.30 35.73
C LYS A 252 -18.23 -18.72 35.86
N HIS B 58 9.43 9.85 18.85
CA HIS B 58 8.00 9.58 19.25
C HIS B 58 7.08 10.83 19.26
N LEU B 59 5.98 10.74 18.50
CA LEU B 59 5.10 11.86 18.21
C LEU B 59 3.65 11.53 18.53
N SER B 60 2.85 12.57 18.82
CA SER B 60 1.39 12.44 18.97
C SER B 60 0.78 13.85 18.93
N LYS B 61 -0.54 13.94 18.77
CA LYS B 61 -1.20 15.24 18.92
C LYS B 61 -1.75 15.45 20.33
N ALA B 62 -1.66 14.45 21.19
CA ALA B 62 -2.31 14.54 22.50
C ALA B 62 -1.39 15.34 23.44
N LYS B 63 -1.84 16.51 23.90
CA LYS B 63 -1.04 17.29 24.87
C LYS B 63 -1.92 17.73 26.03
N ILE B 64 -1.40 17.55 27.24
CA ILE B 64 -2.10 17.92 28.45
C ILE B 64 -2.32 19.43 28.42
N SER B 65 -3.51 19.84 28.82
CA SER B 65 -3.94 21.24 28.89
C SER B 65 -4.26 21.83 27.54
N LYS B 66 -4.24 21.01 26.48
CA LYS B 66 -4.75 21.44 25.13
C LYS B 66 -6.00 20.63 24.78
N PRO B 67 -6.80 21.11 23.80
CA PRO B 67 -7.94 20.30 23.36
C PRO B 67 -7.47 18.91 22.97
N ALA B 68 -8.17 17.88 23.45
CA ALA B 68 -7.89 16.50 23.03
C ALA B 68 -8.09 16.43 21.53
N PRO B 69 -7.24 15.65 20.83
CA PRO B 69 -7.36 15.57 19.36
C PRO B 69 -8.71 15.02 18.97
N TYR B 70 -9.32 15.64 17.96
CA TYR B 70 -10.62 15.26 17.50
C TYR B 70 -10.59 13.82 16.97
N TRP B 71 -11.67 13.08 17.20
CA TRP B 71 -11.81 11.77 16.61
C TRP B 71 -13.25 11.54 16.22
N GLU B 72 -13.44 10.66 15.24
CA GLU B 72 -14.76 10.19 14.86
C GLU B 72 -14.62 8.82 14.19
N GLY B 73 -15.62 7.98 14.35
CA GLY B 73 -15.60 6.71 13.67
C GLY B 73 -16.86 5.94 14.01
N THR B 74 -16.83 4.66 13.71
CA THR B 74 -17.98 3.80 13.94
C THR B 74 -17.77 3.06 15.23
N ALA B 75 -18.74 3.15 16.13
CA ALA B 75 -18.70 2.40 17.39
C ALA B 75 -19.85 1.42 17.41
N VAL B 76 -19.65 0.34 18.14
CA VAL B 76 -20.77 -0.50 18.51
C VAL B 76 -21.38 0.08 19.79
N ILE B 77 -22.66 0.42 19.71
CA ILE B 77 -23.38 0.97 20.85
C ILE B 77 -24.70 0.20 20.93
N ASP B 78 -24.95 -0.46 22.06
CA ASP B 78 -26.18 -1.25 22.25
C ASP B 78 -26.42 -2.23 21.10
N GLY B 79 -25.36 -2.94 20.71
CA GLY B 79 -25.44 -3.91 19.62
C GLY B 79 -25.61 -3.35 18.23
N GLU B 80 -25.51 -2.04 18.05
CA GLU B 80 -25.73 -1.42 16.73
C GLU B 80 -24.52 -0.61 16.28
N PHE B 81 -24.37 -0.40 14.98
CA PHE B 81 -23.30 0.45 14.47
C PHE B 81 -23.77 1.91 14.44
N LYS B 82 -23.00 2.78 15.08
CA LYS B 82 -23.32 4.20 15.16
C LYS B 82 -22.05 5.02 14.92
N GLU B 83 -22.21 6.15 14.25
N GLU B 83 -22.21 6.16 14.27
CA GLU B 83 -21.15 7.14 14.16
CA GLU B 83 -21.13 7.13 14.13
C GLU B 83 -21.01 7.83 15.51
C GLU B 83 -20.99 7.89 15.46
N LEU B 84 -19.77 7.87 16.01
CA LEU B 84 -19.48 8.53 17.28
C LEU B 84 -18.35 9.56 17.07
N LYS B 85 -18.47 10.74 17.66
CA LYS B 85 -17.43 11.79 17.56
C LYS B 85 -17.05 12.30 18.94
N LEU B 86 -15.85 12.83 19.08
CA LEU B 86 -15.39 13.30 20.39
C LEU B 86 -16.28 14.41 20.91
N THR B 87 -16.67 15.32 20.00
CA THR B 87 -17.54 16.42 20.35
C THR B 87 -18.94 15.99 20.84
N ASP B 88 -19.31 14.72 20.66
CA ASP B 88 -20.57 14.24 21.21
C ASP B 88 -20.52 14.30 22.74
N TYR B 89 -19.31 14.39 23.31
CA TYR B 89 -19.12 14.41 24.77
C TYR B 89 -18.92 15.79 25.41
N ARG B 90 -18.91 16.85 24.62
CA ARG B 90 -18.83 18.16 25.22
C ARG B 90 -19.87 18.31 26.32
N GLY B 91 -19.47 18.94 27.42
CA GLY B 91 -20.38 19.13 28.55
C GLY B 91 -20.24 18.01 29.58
N LYS B 92 -19.52 16.95 29.24
CA LYS B 92 -19.26 15.83 30.18
C LYS B 92 -17.77 15.54 30.24
N TYR B 93 -17.28 15.02 31.38
CA TYR B 93 -15.94 14.41 31.38
C TYR B 93 -16.00 13.14 30.55
N LEU B 94 -14.86 12.77 29.93
CA LEU B 94 -14.76 11.55 29.18
C LEU B 94 -13.50 10.77 29.53
N VAL B 95 -13.68 9.49 29.80
CA VAL B 95 -12.55 8.60 29.97
C VAL B 95 -12.49 7.85 28.66
N PHE B 96 -11.43 8.11 27.89
CA PHE B 96 -11.33 7.59 26.54
C PHE B 96 -10.12 6.67 26.56
N PHE B 97 -10.34 5.37 26.40
CA PHE B 97 -9.22 4.44 26.53
C PHE B 97 -9.05 3.45 25.40
N PHE B 98 -7.79 3.14 25.10
CA PHE B 98 -7.44 2.23 24.03
C PHE B 98 -7.07 0.92 24.66
N TYR B 99 -7.37 -0.19 23.98
CA TYR B 99 -6.89 -1.50 24.42
C TYR B 99 -6.38 -2.20 23.17
N PRO B 100 -5.41 -3.10 23.30
CA PRO B 100 -4.72 -3.69 22.16
C PRO B 100 -5.64 -4.39 21.15
N LEU B 101 -6.35 -5.43 21.57
CA LEU B 101 -7.02 -6.32 20.62
C LEU B 101 -8.24 -7.04 21.18
N ASP B 102 -9.27 -7.11 20.36
CA ASP B 102 -10.43 -7.95 20.63
C ASP B 102 -10.03 -9.41 20.72
N PHE B 103 -10.77 -10.17 21.53
CA PHE B 103 -10.50 -11.60 21.73
C PHE B 103 -9.11 -11.89 22.37
N THR B 104 -8.60 -10.99 23.20
CA THR B 104 -7.35 -11.24 23.94
C THR B 104 -7.64 -11.45 25.45
N PHE B 105 -6.79 -10.88 26.32
CA PHE B 105 -6.65 -11.37 27.69
C PHE B 105 -6.87 -10.31 28.75
N VAL B 106 -5.89 -9.40 28.95
CA VAL B 106 -6.16 -8.28 29.86
C VAL B 106 -7.32 -7.38 29.35
N CYS B 107 -7.39 -7.16 28.02
CA CYS B 107 -8.38 -6.21 27.47
C CYS B 107 -9.87 -6.44 27.90
N PRO B 108 -10.40 -7.66 27.76
CA PRO B 108 -11.79 -7.93 28.23
C PRO B 108 -12.04 -7.58 29.72
N THR B 109 -11.08 -7.92 30.59
CA THR B 109 -11.19 -7.57 32.02
C THR B 109 -11.30 -6.07 32.23
N GLU B 110 -10.58 -5.27 31.43
CA GLU B 110 -10.62 -3.84 31.61
C GLU B 110 -11.90 -3.25 31.10
N ILE B 111 -12.31 -3.65 29.90
CA ILE B 111 -13.59 -3.23 29.34
C ILE B 111 -14.74 -3.62 30.28
N ILE B 112 -14.72 -4.86 30.79
CA ILE B 112 -15.78 -5.28 31.73
C ILE B 112 -15.73 -4.50 33.05
N ALA B 113 -14.51 -4.26 33.57
CA ALA B 113 -14.36 -3.49 34.82
C ALA B 113 -14.96 -2.09 34.74
N PHE B 114 -14.67 -1.36 33.67
CA PHE B 114 -15.30 -0.04 33.46
C PHE B 114 -16.82 -0.15 33.17
N GLY B 115 -17.21 -1.06 32.29
CA GLY B 115 -18.60 -1.29 31.98
C GLY B 115 -19.50 -1.61 33.16
N ASP B 116 -19.06 -2.54 33.98
CA ASP B 116 -19.80 -2.95 35.16
C ASP B 116 -19.86 -1.88 36.24
N ARG B 117 -18.97 -0.89 36.15
CA ARG B 117 -18.93 0.18 37.11
C ARG B 117 -19.29 1.54 36.49
N LEU B 118 -19.89 1.51 35.31
CA LEU B 118 -20.21 2.72 34.57
C LEU B 118 -21.03 3.79 35.35
N GLU B 119 -21.96 3.35 36.21
CA GLU B 119 -22.72 4.29 37.03
C GLU B 119 -21.85 5.18 37.95
N GLU B 120 -20.71 4.66 38.39
CA GLU B 120 -19.77 5.42 39.22
C GLU B 120 -19.18 6.61 38.42
N PHE B 121 -19.10 6.44 37.08
CA PHE B 121 -18.75 7.54 36.19
C PHE B 121 -19.96 8.43 35.87
N ARG B 122 -21.10 7.81 35.50
CA ARG B 122 -22.26 8.60 35.04
C ARG B 122 -22.87 9.49 36.09
N SER B 123 -22.77 9.06 37.35
CA SER B 123 -23.28 9.87 38.46
C SER B 123 -22.34 11.01 38.83
N ILE B 124 -21.14 11.06 38.25
CA ILE B 124 -20.31 12.27 38.31
C ILE B 124 -20.12 12.89 36.91
N ASN B 125 -21.14 12.77 36.07
CA ASN B 125 -21.21 13.43 34.76
C ASN B 125 -20.04 13.05 33.86
N THR B 126 -19.65 11.77 33.90
CA THR B 126 -18.53 11.27 33.12
C THR B 126 -18.95 10.07 32.30
N GLU B 127 -18.52 10.03 31.03
CA GLU B 127 -18.76 8.91 30.14
C GLU B 127 -17.47 8.14 29.89
N VAL B 128 -17.59 6.92 29.39
CA VAL B 128 -16.43 6.07 29.13
C VAL B 128 -16.58 5.51 27.71
N VAL B 129 -15.50 5.57 26.91
CA VAL B 129 -15.51 5.01 25.54
C VAL B 129 -14.22 4.16 25.44
N ALA B 130 -14.34 2.92 24.96
CA ALA B 130 -13.16 2.09 24.67
C ALA B 130 -12.89 2.04 23.16
N CYS B 131 -11.63 1.88 22.77
CA CYS B 131 -11.24 1.88 21.36
C CYS B 131 -10.13 0.84 21.11
N SER B 132 -10.26 0.05 20.05
CA SER B 132 -9.09 -0.66 19.51
C SER B 132 -9.07 -0.53 17.97
N VAL B 133 -8.00 -1.02 17.37
CA VAL B 133 -7.84 -1.09 15.92
C VAL B 133 -8.78 -2.14 15.23
N ASP B 134 -9.44 -3.00 16.00
CA ASP B 134 -10.38 -3.97 15.40
C ASP B 134 -11.57 -3.30 14.66
N SER B 135 -12.18 -4.03 13.71
CA SER B 135 -13.36 -3.53 13.01
C SER B 135 -14.53 -3.60 13.98
N GLN B 136 -15.60 -2.91 13.63
CA GLN B 136 -16.84 -2.92 14.38
C GLN B 136 -17.53 -4.29 14.30
N PHE B 137 -17.26 -5.05 13.25
CA PHE B 137 -17.81 -6.38 13.11
C PHE B 137 -17.17 -7.36 14.10
N THR B 138 -15.87 -7.23 14.31
CA THR B 138 -15.19 -8.03 15.33
C THR B 138 -15.62 -7.59 16.76
N HIS B 139 -15.75 -6.29 16.98
CA HIS B 139 -16.26 -5.75 18.26
C HIS B 139 -17.63 -6.39 18.57
N LEU B 140 -18.53 -6.41 17.59
CA LEU B 140 -19.87 -6.97 17.82
C LEU B 140 -19.81 -8.49 18.03
N ALA B 141 -18.98 -9.18 17.25
CA ALA B 141 -18.79 -10.61 17.49
C ALA B 141 -18.28 -10.87 18.92
N TRP B 142 -17.38 -10.03 19.42
CA TRP B 142 -16.77 -10.21 20.76
C TRP B 142 -17.80 -10.00 21.84
N ILE B 143 -18.61 -8.96 21.65
CA ILE B 143 -19.75 -8.68 22.49
C ILE B 143 -20.74 -9.87 22.53
N ASN B 144 -20.98 -10.48 21.37
CA ASN B 144 -21.83 -11.67 21.27
C ASN B 144 -21.13 -12.94 21.71
N THR B 145 -19.96 -12.81 22.32
CA THR B 145 -19.29 -13.96 22.91
C THR B 145 -19.45 -13.90 24.44
N PRO B 146 -19.86 -15.03 25.08
CA PRO B 146 -20.05 -15.07 26.55
C PRO B 146 -18.76 -14.85 27.33
N ARG B 147 -18.88 -14.19 28.47
CA ARG B 147 -17.72 -13.84 29.29
C ARG B 147 -16.82 -14.99 29.68
N ARG B 148 -17.41 -16.13 29.98
CA ARG B 148 -16.65 -17.35 30.34
C ARG B 148 -15.69 -17.81 29.25
N GLN B 149 -15.92 -17.34 28.01
CA GLN B 149 -15.08 -17.71 26.87
CA GLN B 149 -15.11 -17.69 26.85
C GLN B 149 -14.13 -16.57 26.51
N GLY B 150 -14.07 -15.57 27.38
CA GLY B 150 -13.18 -14.41 27.14
C GLY B 150 -13.85 -13.38 26.26
N GLY B 151 -15.17 -13.54 26.09
CA GLY B 151 -15.96 -12.58 25.36
C GLY B 151 -16.32 -11.44 26.28
N LEU B 152 -16.98 -10.42 25.73
CA LEU B 152 -17.38 -9.29 26.58
C LEU B 152 -18.75 -9.45 27.19
N GLY B 153 -19.62 -10.17 26.49
CA GLY B 153 -21.03 -10.13 26.81
C GLY B 153 -21.58 -8.77 26.46
N PRO B 154 -22.88 -8.57 26.64
CA PRO B 154 -23.51 -7.27 26.46
C PRO B 154 -22.75 -6.24 27.28
N ILE B 155 -22.60 -5.03 26.75
CA ILE B 155 -21.78 -4.04 27.41
C ILE B 155 -22.43 -2.66 27.20
N ARG B 156 -22.28 -1.77 28.16
CA ARG B 156 -22.96 -0.47 28.11
C ARG B 156 -22.01 0.67 27.65
N ILE B 157 -20.77 0.31 27.38
CA ILE B 157 -19.73 1.24 26.90
C ILE B 157 -19.53 1.10 25.37
N PRO B 158 -19.53 2.23 24.63
CA PRO B 158 -19.26 2.16 23.19
C PRO B 158 -17.91 1.56 22.93
N LEU B 159 -17.84 0.69 21.92
CA LEU B 159 -16.57 0.18 21.44
C LEU B 159 -16.31 0.82 20.10
N LEU B 160 -15.35 1.73 20.10
CA LEU B 160 -14.97 2.45 18.90
C LEU B 160 -14.00 1.62 18.10
N SER B 161 -14.20 1.65 16.78
CA SER B 161 -13.29 1.00 15.84
C SER B 161 -12.33 2.01 15.25
N ASP B 162 -11.04 1.67 15.25
CA ASP B 162 -10.01 2.49 14.61
C ASP B 162 -9.20 1.68 13.56
N LEU B 163 -9.91 1.13 12.58
CA LEU B 163 -9.30 0.27 11.57
C LEU B 163 -8.18 0.96 10.79
N THR B 164 -8.36 2.25 10.48
CA THR B 164 -7.35 2.97 9.71
C THR B 164 -6.11 3.35 10.53
N HIS B 165 -6.21 3.22 11.85
CA HIS B 165 -5.15 3.61 12.79
C HIS B 165 -4.96 5.10 12.99
N GLN B 166 -5.79 5.95 12.38
CA GLN B 166 -5.57 7.37 12.48
C GLN B 166 -5.75 7.84 13.93
N ILE B 167 -6.77 7.32 14.62
CA ILE B 167 -7.09 7.81 15.96
C ILE B 167 -5.95 7.46 16.92
N SER B 168 -5.51 6.20 16.87
CA SER B 168 -4.40 5.71 17.69
C SER B 168 -3.10 6.51 17.50
N LYS B 169 -2.80 6.87 16.25
CA LYS B 169 -1.59 7.64 15.98
C LYS B 169 -1.75 9.05 16.48
N ASP B 170 -2.95 9.61 16.33
CA ASP B 170 -3.19 10.98 16.81
C ASP B 170 -3.02 11.00 18.35
N TYR B 171 -3.38 9.89 18.99
CA TYR B 171 -3.29 9.81 20.46
C TYR B 171 -1.93 9.30 20.96
N GLY B 172 -1.05 8.96 20.02
CA GLY B 172 0.30 8.55 20.34
C GLY B 172 0.38 7.18 20.96
N VAL B 173 -0.59 6.31 20.67
CA VAL B 173 -0.63 4.99 21.31
C VAL B 173 -0.45 3.80 20.36
N TYR B 174 -0.20 4.07 19.08
CA TYR B 174 -0.08 3.02 18.06
C TYR B 174 1.30 2.40 18.15
N LEU B 175 1.37 1.07 18.15
CA LEU B 175 2.66 0.34 18.09
C LEU B 175 2.94 -0.09 16.64
N GLU B 176 3.88 0.61 16.00
CA GLU B 176 4.18 0.39 14.58
CA GLU B 176 4.22 0.41 14.60
C GLU B 176 4.59 -1.04 14.25
N ASP B 177 5.38 -1.68 15.11
CA ASP B 177 5.84 -3.06 14.87
CA ASP B 177 5.81 -3.06 14.81
C ASP B 177 4.73 -4.10 15.09
N SER B 178 3.71 -3.75 15.89
CA SER B 178 2.68 -4.76 16.19
C SER B 178 1.35 -4.58 15.47
N GLY B 179 1.04 -3.37 15.02
CA GLY B 179 -0.24 -3.14 14.34
C GLY B 179 -1.44 -2.96 15.26
N HIS B 180 -1.20 -2.63 16.53
CA HIS B 180 -2.29 -2.32 17.47
C HIS B 180 -1.75 -1.34 18.54
N THR B 181 -2.61 -0.91 19.45
CA THR B 181 -2.24 0.08 20.45
C THR B 181 -1.69 -0.58 21.70
N LEU B 182 -1.05 0.22 22.55
CA LEU B 182 -0.77 -0.22 23.90
C LEU B 182 -2.00 0.10 24.77
N ARG B 183 -1.87 0.06 26.10
CA ARG B 183 -2.98 0.36 27.00
C ARG B 183 -2.88 1.84 27.37
N GLY B 184 -3.55 2.69 26.61
CA GLY B 184 -3.47 4.13 26.86
C GLY B 184 -4.84 4.66 27.26
N LEU B 185 -4.89 5.42 28.35
CA LEU B 185 -6.09 5.97 28.87
C LEU B 185 -5.92 7.49 28.95
N PHE B 186 -6.98 8.21 28.60
CA PHE B 186 -6.98 9.67 28.52
C PHE B 186 -8.18 10.20 29.26
N ILE B 187 -7.96 11.21 30.10
CA ILE B 187 -9.09 11.86 30.74
C ILE B 187 -9.27 13.24 30.16
N ILE B 188 -10.46 13.48 29.62
CA ILE B 188 -10.78 14.69 28.90
C ILE B 188 -11.92 15.38 29.63
N ASP B 189 -11.77 16.67 29.88
CA ASP B 189 -12.77 17.38 30.65
C ASP B 189 -13.98 17.79 29.81
N ASP B 190 -14.95 18.41 30.44
CA ASP B 190 -16.23 18.77 29.81
C ASP B 190 -16.08 19.86 28.72
N LYS B 191 -14.95 20.58 28.79
CA LYS B 191 -14.64 21.59 27.79
CA LYS B 191 -14.62 21.59 27.80
C LYS B 191 -13.77 20.98 26.68
N GLY B 192 -13.47 19.69 26.78
CA GLY B 192 -12.73 19.02 25.73
C GLY B 192 -11.21 19.11 25.85
N ILE B 193 -10.73 19.51 27.01
CA ILE B 193 -9.28 19.67 27.23
C ILE B 193 -8.71 18.38 27.84
N LEU B 194 -7.60 17.90 27.31
CA LEU B 194 -6.93 16.72 27.87
C LEU B 194 -6.27 17.08 29.21
N ARG B 195 -6.65 16.33 30.25
CA ARG B 195 -6.15 16.58 31.61
C ARG B 195 -5.16 15.52 32.11
N GLN B 196 -5.19 14.33 31.53
CA GLN B 196 -4.43 13.19 32.14
C GLN B 196 -4.18 12.16 31.10
N ILE B 197 -3.00 11.54 31.16
CA ILE B 197 -2.60 10.50 30.21
C ILE B 197 -1.97 9.37 31.02
N THR B 198 -2.43 8.14 30.80
CA THR B 198 -1.88 7.00 31.47
C THR B 198 -1.58 5.97 30.40
N LEU B 199 -0.32 5.51 30.30
CA LEU B 199 0.05 4.56 29.24
C LEU B 199 0.72 3.36 29.92
N ASN B 200 0.19 2.16 29.70
CA ASN B 200 0.76 0.94 30.31
C ASN B 200 1.30 0.07 29.21
N ASP B 201 2.45 -0.56 29.44
CA ASP B 201 2.89 -1.69 28.61
C ASP B 201 1.82 -2.82 28.63
N LEU B 202 1.81 -3.65 27.58
CA LEU B 202 0.85 -4.76 27.37
C LEU B 202 0.46 -5.64 28.58
N PRO B 203 1.42 -6.04 29.41
CA PRO B 203 1.07 -7.08 30.42
C PRO B 203 0.24 -6.63 31.64
N VAL B 204 -0.02 -5.32 31.79
CA VAL B 204 -0.56 -4.83 33.04
C VAL B 204 -1.76 -3.93 32.83
N GLY B 205 -2.89 -4.33 33.40
CA GLY B 205 -4.12 -3.58 33.22
C GLY B 205 -4.20 -2.34 34.07
N ARG B 206 -5.14 -1.48 33.73
CA ARG B 206 -5.40 -0.25 34.44
C ARG B 206 -6.34 -0.46 35.67
N SER B 207 -6.58 0.61 36.44
CA SER B 207 -7.41 0.55 37.66
C SER B 207 -8.60 1.47 37.49
N VAL B 208 -9.80 0.93 37.69
CA VAL B 208 -11.00 1.76 37.62
C VAL B 208 -11.00 2.72 38.83
N ASP B 209 -10.58 2.23 39.99
CA ASP B 209 -10.47 3.04 41.20
C ASP B 209 -9.56 4.26 41.03
N GLU B 210 -8.39 4.04 40.42
CA GLU B 210 -7.46 5.16 40.20
C GLU B 210 -8.06 6.18 39.21
N THR B 211 -8.72 5.67 38.16
CA THR B 211 -9.30 6.53 37.14
C THR B 211 -10.40 7.38 37.77
N LEU B 212 -11.24 6.75 38.61
CA LEU B 212 -12.27 7.47 39.36
C LEU B 212 -11.68 8.56 40.25
N ARG B 213 -10.65 8.18 41.01
CA ARG B 213 -9.94 9.16 41.85
C ARG B 213 -9.49 10.41 41.07
N LEU B 214 -8.88 10.17 39.91
CA LEU B 214 -8.41 11.27 39.06
C LEU B 214 -9.55 12.11 38.51
N VAL B 215 -10.64 11.48 38.06
CA VAL B 215 -11.77 12.27 37.51
C VAL B 215 -12.31 13.16 38.61
N GLN B 216 -12.48 12.57 39.80
CA GLN B 216 -12.98 13.30 40.96
C GLN B 216 -12.05 14.43 41.34
N ALA B 217 -10.74 14.17 41.35
CA ALA B 217 -9.79 15.24 41.63
C ALA B 217 -9.83 16.42 40.64
N PHE B 218 -9.91 16.14 39.33
CA PHE B 218 -9.98 17.20 38.35
C PHE B 218 -11.27 17.96 38.43
N GLN B 219 -12.37 17.26 38.69
CA GLN B 219 -13.64 17.95 38.84
C GLN B 219 -13.60 18.83 40.10
N TYR B 220 -12.94 18.33 41.15
CA TYR B 220 -12.84 19.14 42.39
C TYR B 220 -12.03 20.44 42.13
N THR B 221 -10.87 20.29 41.47
CA THR B 221 -10.03 21.45 41.17
C THR B 221 -10.62 22.38 40.11
N ASP B 222 -11.47 21.86 39.22
CA ASP B 222 -12.20 22.73 38.30
C ASP B 222 -13.12 23.68 39.07
N LYS B 223 -13.75 23.16 40.12
CA LYS B 223 -14.80 23.83 40.86
C LYS B 223 -14.27 24.76 41.95
N HIS B 224 -13.18 24.38 42.62
CA HIS B 224 -12.63 25.13 43.74
C HIS B 224 -11.28 25.75 43.36
N GLY B 225 -10.82 26.71 44.15
CA GLY B 225 -9.53 27.36 43.89
C GLY B 225 -8.34 26.63 44.51
N GLU B 226 -8.61 25.47 45.10
CA GLU B 226 -7.57 24.71 45.80
C GLU B 226 -7.07 23.60 44.90
N VAL B 227 -5.89 23.05 45.23
CA VAL B 227 -5.30 21.95 44.47
C VAL B 227 -5.18 20.68 45.31
N CYS B 228 -4.98 19.56 44.62
CA CYS B 228 -5.08 18.23 45.21
C CYS B 228 -3.71 17.59 45.50
N PRO B 229 -3.44 17.38 46.79
CA PRO B 229 -2.21 16.72 47.24
C PRO B 229 -2.13 15.27 46.74
N ALA B 230 -0.92 14.71 46.78
CA ALA B 230 -0.71 13.27 46.59
C ALA B 230 -1.79 12.42 47.31
N GLY B 231 -2.35 11.44 46.61
CA GLY B 231 -3.32 10.50 47.19
C GLY B 231 -4.68 11.09 47.57
N TRP B 232 -4.95 12.33 47.16
CA TRP B 232 -6.23 12.99 47.48
C TRP B 232 -7.42 12.10 47.11
N LYS B 233 -8.41 12.02 48.02
CA LYS B 233 -9.74 11.46 47.71
C LYS B 233 -10.83 12.45 48.13
N PRO B 234 -12.09 12.29 47.65
CA PRO B 234 -13.11 13.18 48.25
C PRO B 234 -13.06 13.17 49.79
N GLY B 235 -13.13 14.34 50.41
CA GLY B 235 -12.99 14.47 51.86
C GLY B 235 -11.60 14.82 52.35
N SER B 236 -10.58 14.63 51.51
CA SER B 236 -9.17 14.87 51.93
C SER B 236 -8.88 16.36 51.91
N GLU B 237 -7.82 16.73 52.65
CA GLU B 237 -7.34 18.11 52.68
CA GLU B 237 -7.33 18.10 52.68
C GLU B 237 -6.79 18.52 51.30
N THR B 238 -7.06 19.77 50.92
CA THR B 238 -6.53 20.40 49.70
C THR B 238 -5.68 21.60 50.09
N ILE B 239 -5.05 22.25 49.09
CA ILE B 239 -4.11 23.38 49.32
C ILE B 239 -4.45 24.66 48.51
N ILE B 240 -4.38 25.81 49.18
CA ILE B 240 -4.50 27.11 48.49
C ILE B 240 -3.16 27.41 47.78
N PRO B 241 -3.18 27.47 46.42
CA PRO B 241 -1.92 27.62 45.64
C PRO B 241 -1.34 29.05 45.71
N ASP B 242 -0.90 29.42 46.91
CA ASP B 242 -0.39 30.74 47.22
C ASP B 242 0.76 30.57 48.25
N PRO B 243 1.87 31.33 48.10
CA PRO B 243 2.94 31.16 49.10
C PRO B 243 2.51 31.44 50.57
N ALA B 244 1.54 32.33 50.79
CA ALA B 244 0.97 32.55 52.12
C ALA B 244 -0.16 31.57 52.43
N GLY B 245 -1.13 31.47 51.52
CA GLY B 245 -2.29 30.59 51.65
C GLY B 245 -1.98 29.12 51.90
N LYS B 246 -0.90 28.62 51.27
CA LYS B 246 -0.40 27.24 51.46
C LYS B 246 -0.15 26.88 52.93
N LEU B 247 0.19 27.89 53.75
CA LEU B 247 0.53 27.65 55.15
C LEU B 247 -0.63 27.09 55.97
N LYS B 248 -1.87 27.36 55.56
CA LYS B 248 -3.06 26.79 56.22
C LYS B 248 -3.10 25.26 56.09
N TYR B 249 -2.59 24.74 54.99
CA TYR B 249 -2.46 23.29 54.81
C TYR B 249 -1.22 22.71 55.53
N PHE B 250 -0.06 23.33 55.35
CA PHE B 250 1.21 22.75 55.83
C PHE B 250 1.41 22.82 57.35
N ASP B 251 0.71 23.75 57.99
CA ASP B 251 0.78 23.92 59.43
C ASP B 251 -0.17 22.99 60.21
N LYS B 252 -0.35 21.77 59.71
CA LYS B 252 -1.25 20.74 60.28
C LYS B 252 -0.63 19.34 60.22
N LEU C 57 -2.31 9.04 -6.58
CA LEU C 57 -1.94 7.89 -7.48
C LEU C 57 -1.80 6.56 -6.73
N HIS C 58 -2.03 5.47 -7.48
CA HIS C 58 -2.00 4.11 -6.93
C HIS C 58 -0.56 3.60 -6.96
N LEU C 59 -0.05 3.28 -5.77
CA LEU C 59 1.29 2.68 -5.58
C LEU C 59 1.14 1.23 -5.13
N SER C 60 2.12 0.40 -5.47
CA SER C 60 2.09 -1.02 -5.17
C SER C 60 3.47 -1.56 -5.47
N LYS C 61 3.87 -2.64 -4.82
CA LYS C 61 5.08 -3.36 -5.23
C LYS C 61 4.77 -4.59 -6.12
N ALA C 62 3.50 -4.92 -6.28
CA ALA C 62 3.13 -6.10 -7.06
C ALA C 62 3.17 -5.80 -8.58
N LYS C 63 4.06 -6.51 -9.28
CA LYS C 63 4.17 -6.39 -10.75
C LYS C 63 4.19 -7.78 -11.37
N ILE C 64 3.28 -7.99 -12.30
CA ILE C 64 3.20 -9.19 -13.12
C ILE C 64 4.56 -9.41 -13.81
N SER C 65 5.05 -10.65 -13.75
CA SER C 65 6.30 -11.10 -14.37
C SER C 65 7.55 -10.73 -13.55
N LYS C 66 7.36 -10.20 -12.35
CA LYS C 66 8.45 -9.95 -11.39
C LYS C 66 8.16 -10.77 -10.13
N PRO C 67 9.19 -11.04 -9.29
CA PRO C 67 8.94 -11.68 -8.01
C PRO C 67 7.81 -11.00 -7.28
N ALA C 68 6.82 -11.78 -6.85
CA ALA C 68 5.79 -11.33 -5.90
C ALA C 68 6.46 -10.74 -4.68
N PRO C 69 5.96 -9.59 -4.18
CA PRO C 69 6.55 -8.94 -2.99
C PRO C 69 6.57 -9.90 -1.81
N TYR C 70 7.72 -10.00 -1.16
CA TYR C 70 7.89 -10.85 0.01
C TYR C 70 6.90 -10.46 1.11
N TRP C 71 6.38 -11.46 1.81
CA TRP C 71 5.61 -11.22 3.01
C TRP C 71 5.93 -12.25 4.06
N GLU C 72 5.67 -11.89 5.30
CA GLU C 72 5.72 -12.80 6.41
C GLU C 72 4.81 -12.28 7.51
N GLY C 73 4.25 -13.19 8.29
CA GLY C 73 3.39 -12.81 9.41
C GLY C 73 2.90 -14.01 10.18
N THR C 74 2.02 -13.77 11.13
CA THR C 74 1.38 -14.84 11.86
C THR C 74 0.12 -15.27 11.15
N ALA C 75 -0.01 -16.58 10.95
CA ALA C 75 -1.19 -17.15 10.34
C ALA C 75 -1.82 -18.13 11.32
N VAL C 76 -3.12 -18.34 11.18
CA VAL C 76 -3.77 -19.44 11.88
C VAL C 76 -3.76 -20.65 10.95
N ILE C 77 -3.09 -21.72 11.37
CA ILE C 77 -3.01 -22.92 10.57
C ILE C 77 -3.44 -24.10 11.48
N ASP C 78 -4.52 -24.76 11.08
N ASP C 78 -4.49 -24.81 11.08
CA ASP C 78 -5.11 -25.87 11.82
CA ASP C 78 -5.07 -25.92 11.85
C ASP C 78 -5.25 -25.55 13.31
C ASP C 78 -5.29 -25.56 13.32
N GLY C 79 -5.81 -24.36 13.56
CA GLY C 79 -6.17 -23.92 14.91
C GLY C 79 -5.10 -23.28 15.74
N GLU C 80 -3.90 -23.13 15.17
N GLU C 80 -3.87 -23.17 15.24
CA GLU C 80 -2.70 -22.67 15.89
CA GLU C 80 -2.86 -22.47 16.02
C GLU C 80 -2.01 -21.47 15.23
C GLU C 80 -1.96 -21.53 15.26
N PHE C 81 -1.34 -20.64 16.02
CA PHE C 81 -0.55 -19.54 15.50
C PHE C 81 0.80 -20.04 14.98
N LYS C 82 1.13 -19.67 13.74
CA LYS C 82 2.39 -20.07 13.12
C LYS C 82 2.94 -18.93 12.28
N GLU C 83 4.26 -18.75 12.31
CA GLU C 83 4.91 -17.83 11.40
C GLU C 83 4.81 -18.39 9.97
N LEU C 84 4.32 -17.57 9.05
CA LEU C 84 4.21 -17.93 7.65
C LEU C 84 4.94 -16.94 6.72
N LYS C 85 5.64 -17.47 5.72
CA LYS C 85 6.50 -16.70 4.83
C LYS C 85 6.18 -17.03 3.37
N LEU C 86 6.20 -16.02 2.50
CA LEU C 86 5.96 -16.27 1.09
C LEU C 86 6.92 -17.35 0.58
N THR C 87 8.16 -17.31 1.04
CA THR C 87 9.18 -18.25 0.56
C THR C 87 8.97 -19.71 1.00
N ASP C 88 8.13 -19.92 2.02
CA ASP C 88 7.67 -21.28 2.37
C ASP C 88 7.04 -21.98 1.17
N TYR C 89 6.53 -21.20 0.23
CA TYR C 89 5.80 -21.72 -0.92
C TYR C 89 6.62 -21.89 -2.20
N ARG C 90 7.92 -21.63 -2.15
CA ARG C 90 8.75 -21.91 -3.31
C ARG C 90 8.63 -23.38 -3.69
N GLY C 91 8.56 -23.65 -4.99
CA GLY C 91 8.42 -25.01 -5.51
C GLY C 91 6.99 -25.35 -5.89
N LYS C 92 6.05 -24.55 -5.41
CA LYS C 92 4.62 -24.72 -5.67
C LYS C 92 4.00 -23.43 -6.17
N TYR C 93 2.95 -23.56 -6.95
CA TYR C 93 2.06 -22.44 -7.27
C TYR C 93 1.33 -22.00 -6.02
N LEU C 94 1.01 -20.71 -5.95
CA LEU C 94 0.34 -20.18 -4.79
C LEU C 94 -0.77 -19.21 -5.19
N VAL C 95 -1.96 -19.49 -4.68
CA VAL C 95 -3.07 -18.58 -4.83
C VAL C 95 -3.13 -17.80 -3.52
N PHE C 96 -2.86 -16.50 -3.62
CA PHE C 96 -2.71 -15.64 -2.44
C PHE C 96 -3.79 -14.61 -2.50
N PHE C 97 -4.74 -14.65 -1.57
CA PHE C 97 -5.85 -13.72 -1.69
C PHE C 97 -6.20 -12.94 -0.44
N PHE C 98 -6.59 -11.68 -0.66
CA PHE C 98 -6.99 -10.84 0.43
C PHE C 98 -8.51 -10.79 0.46
N TYR C 99 -9.08 -10.72 1.65
CA TYR C 99 -10.50 -10.43 1.80
C TYR C 99 -10.66 -9.30 2.83
N PRO C 100 -11.72 -8.48 2.73
CA PRO C 100 -11.87 -7.29 3.60
C PRO C 100 -11.81 -7.56 5.12
N LEU C 101 -12.75 -8.34 5.65
CA LEU C 101 -12.90 -8.39 7.11
C LEU C 101 -13.52 -9.67 7.61
N ASP C 102 -12.96 -10.19 8.70
CA ASP C 102 -13.57 -11.27 9.44
C ASP C 102 -14.95 -10.85 9.94
N PHE C 103 -15.80 -11.84 10.17
CA PHE C 103 -17.15 -11.64 10.66
C PHE C 103 -18.00 -10.77 9.73
N THR C 104 -17.66 -10.76 8.44
CA THR C 104 -18.52 -10.13 7.43
C THR C 104 -19.24 -11.17 6.56
N PHE C 105 -19.29 -10.92 5.24
CA PHE C 105 -20.39 -11.48 4.40
C PHE C 105 -19.93 -12.29 3.19
N VAL C 106 -19.45 -11.62 2.13
CA VAL C 106 -18.86 -12.33 0.98
C VAL C 106 -17.58 -13.11 1.38
N CYS C 107 -16.77 -12.48 2.24
CA CYS C 107 -15.49 -13.07 2.72
C CYS C 107 -15.56 -14.55 3.18
N PRO C 108 -16.46 -14.89 4.14
CA PRO C 108 -16.56 -16.32 4.52
C PRO C 108 -16.93 -17.27 3.35
N THR C 109 -17.76 -16.81 2.42
CA THR C 109 -18.15 -17.65 1.27
C THR C 109 -16.93 -17.94 0.36
N GLU C 110 -16.07 -16.95 0.16
CA GLU C 110 -14.88 -17.13 -0.65
C GLU C 110 -13.91 -18.06 0.06
N ILE C 111 -13.72 -17.84 1.36
CA ILE C 111 -12.78 -18.69 2.08
C ILE C 111 -13.25 -20.15 2.08
N ILE C 112 -14.54 -20.37 2.33
CA ILE C 112 -15.13 -21.72 2.33
C ILE C 112 -15.14 -22.35 0.91
N ALA C 113 -15.43 -21.52 -0.10
CA ALA C 113 -15.42 -22.00 -1.48
C ALA C 113 -14.06 -22.57 -1.84
N PHE C 114 -12.99 -21.82 -1.55
CA PHE C 114 -11.66 -22.31 -1.80
C PHE C 114 -11.32 -23.52 -0.92
N GLY C 115 -11.68 -23.44 0.36
CA GLY C 115 -11.39 -24.50 1.33
C GLY C 115 -12.01 -25.84 0.99
N ASP C 116 -13.28 -25.83 0.58
CA ASP C 116 -13.96 -27.07 0.20
C ASP C 116 -13.47 -27.66 -1.11
N ARG C 117 -12.81 -26.87 -1.95
CA ARG C 117 -12.28 -27.39 -3.22
C ARG C 117 -10.75 -27.49 -3.24
N LEU C 118 -10.16 -27.46 -2.05
CA LEU C 118 -8.71 -27.36 -1.90
C LEU C 118 -7.93 -28.53 -2.54
N GLU C 119 -8.50 -29.73 -2.50
CA GLU C 119 -7.83 -30.87 -3.13
C GLU C 119 -7.68 -30.69 -4.63
N GLU C 120 -8.56 -29.87 -5.23
CA GLU C 120 -8.46 -29.54 -6.64
C GLU C 120 -7.21 -28.71 -6.94
N PHE C 121 -6.79 -27.89 -5.98
CA PHE C 121 -5.55 -27.14 -6.10
C PHE C 121 -4.36 -28.02 -5.72
N ARG C 122 -4.54 -28.79 -4.66
CA ARG C 122 -3.44 -29.63 -4.17
C ARG C 122 -3.03 -30.71 -5.15
N SER C 123 -3.95 -31.16 -5.98
CA SER C 123 -3.65 -32.16 -6.99
C SER C 123 -2.93 -31.56 -8.20
N ILE C 124 -2.89 -30.22 -8.28
CA ILE C 124 -2.10 -29.55 -9.30
C ILE C 124 -0.97 -28.74 -8.64
N ASN C 125 -0.52 -29.25 -7.48
CA ASN C 125 0.67 -28.71 -6.80
C ASN C 125 0.51 -27.20 -6.50
N THR C 126 -0.67 -26.80 -6.04
CA THR C 126 -0.95 -25.39 -5.79
C THR C 126 -1.50 -25.25 -4.38
N GLU C 127 -0.95 -24.29 -3.63
CA GLU C 127 -1.44 -23.98 -2.30
C GLU C 127 -2.29 -22.70 -2.33
N VAL C 128 -3.10 -22.54 -1.29
CA VAL C 128 -3.96 -21.34 -1.14
C VAL C 128 -3.75 -20.72 0.25
N VAL C 129 -3.59 -19.40 0.30
CA VAL C 129 -3.46 -18.65 1.56
C VAL C 129 -4.40 -17.43 1.44
N ALA C 130 -5.21 -17.20 2.48
CA ALA C 130 -6.05 -16.00 2.61
C ALA C 130 -5.49 -15.00 3.65
N CYS C 131 -5.74 -13.70 3.46
CA CYS C 131 -5.17 -12.67 4.29
C CYS C 131 -6.18 -11.59 4.50
N SER C 132 -6.33 -11.09 5.73
CA SER C 132 -7.00 -9.81 5.95
C SER C 132 -6.25 -9.02 7.00
N VAL C 133 -6.66 -7.78 7.24
CA VAL C 133 -6.02 -6.90 8.23
C VAL C 133 -6.36 -7.33 9.67
N ASP C 134 -7.32 -8.26 9.85
CA ASP C 134 -7.69 -8.70 11.21
C ASP C 134 -6.52 -9.39 11.94
N SER C 135 -6.56 -9.39 13.28
CA SER C 135 -5.54 -10.07 14.05
C SER C 135 -5.70 -11.58 13.96
N GLN C 136 -4.66 -12.32 14.36
CA GLN C 136 -4.74 -13.76 14.44
C GLN C 136 -5.75 -14.24 15.49
N PHE C 137 -5.96 -13.44 16.53
CA PHE C 137 -6.89 -13.80 17.57
C PHE C 137 -8.33 -13.72 17.02
N THR C 138 -8.61 -12.71 16.21
CA THR C 138 -9.90 -12.63 15.56
C THR C 138 -10.06 -13.75 14.52
N HIS C 139 -9.00 -14.06 13.76
CA HIS C 139 -9.08 -15.18 12.79
C HIS C 139 -9.47 -16.47 13.51
N LEU C 140 -8.82 -16.71 14.65
CA LEU C 140 -9.07 -17.92 15.41
C LEU C 140 -10.51 -17.98 15.95
N ALA C 141 -11.01 -16.85 16.48
CA ALA C 141 -12.41 -16.77 16.93
C ALA C 141 -13.41 -17.04 15.80
N TRP C 142 -13.10 -16.54 14.61
CA TRP C 142 -13.97 -16.67 13.43
C TRP C 142 -14.06 -18.13 12.99
N ILE C 143 -12.90 -18.79 12.94
CA ILE C 143 -12.81 -20.24 12.76
C ILE C 143 -13.67 -21.00 13.81
N ASN C 144 -13.56 -20.62 15.08
CA ASN C 144 -14.31 -21.27 16.17
C ASN C 144 -15.78 -20.86 16.24
N THR C 145 -16.23 -20.13 15.25
CA THR C 145 -17.63 -19.72 15.10
C THR C 145 -18.26 -20.62 14.03
N PRO C 146 -19.39 -21.30 14.36
CA PRO C 146 -20.14 -22.15 13.41
C PRO C 146 -20.47 -21.50 12.07
N ARG C 147 -20.35 -22.24 10.97
CA ARG C 147 -20.67 -21.74 9.64
C ARG C 147 -22.05 -21.10 9.53
N ARG C 148 -23.00 -21.61 10.31
CA ARG C 148 -24.39 -21.15 10.26
C ARG C 148 -24.55 -19.74 10.83
N GLN C 149 -23.51 -19.27 11.53
CA GLN C 149 -23.47 -17.93 12.11
CA GLN C 149 -23.51 -17.92 12.08
C GLN C 149 -22.55 -17.03 11.30
N GLY C 150 -22.31 -17.40 10.03
CA GLY C 150 -21.38 -16.67 9.16
C GLY C 150 -19.95 -16.80 9.66
N GLY C 151 -19.71 -17.84 10.45
CA GLY C 151 -18.36 -18.20 10.87
C GLY C 151 -17.73 -19.03 9.80
N LEU C 152 -16.48 -19.37 9.99
CA LEU C 152 -15.83 -20.20 9.00
C LEU C 152 -15.98 -21.67 9.29
N GLY C 153 -16.04 -22.00 10.58
CA GLY C 153 -15.84 -23.38 11.02
C GLY C 153 -14.40 -23.75 10.74
N PRO C 154 -14.03 -25.03 11.01
CA PRO C 154 -12.68 -25.51 10.70
C PRO C 154 -12.37 -25.33 9.20
N ILE C 155 -11.11 -25.04 8.87
CA ILE C 155 -10.71 -24.77 7.50
C ILE C 155 -9.26 -25.12 7.34
N ARG C 156 -8.89 -25.54 6.13
CA ARG C 156 -7.55 -26.06 5.87
C ARG C 156 -6.62 -25.03 5.24
N ILE C 157 -7.17 -23.85 4.95
CA ILE C 157 -6.44 -22.73 4.39
C ILE C 157 -5.91 -21.82 5.52
N PRO C 158 -4.60 -21.52 5.51
CA PRO C 158 -4.07 -20.59 6.50
C PRO C 158 -4.76 -19.23 6.40
N LEU C 159 -5.03 -18.61 7.54
CA LEU C 159 -5.51 -17.22 7.55
C LEU C 159 -4.39 -16.37 8.08
N LEU C 160 -3.83 -15.59 7.18
CA LEU C 160 -2.69 -14.78 7.47
C LEU C 160 -3.21 -13.44 8.03
N SER C 161 -2.60 -12.96 9.11
CA SER C 161 -2.93 -11.65 9.68
C SER C 161 -2.01 -10.52 9.19
N ASP C 162 -2.60 -9.40 8.77
CA ASP C 162 -1.85 -8.22 8.31
C ASP C 162 -2.24 -6.97 9.11
N LEU C 163 -2.11 -7.05 10.44
CA LEU C 163 -2.50 -5.98 11.36
C LEU C 163 -1.80 -4.64 11.07
N THR C 164 -0.53 -4.70 10.68
CA THR C 164 0.23 -3.49 10.43
C THR C 164 -0.11 -2.90 9.06
N HIS C 165 -0.83 -3.66 8.22
CA HIS C 165 -1.18 -3.25 6.87
C HIS C 165 -0.03 -3.24 5.85
N GLN C 166 1.18 -3.59 6.25
CA GLN C 166 2.29 -3.51 5.33
CA GLN C 166 2.37 -3.60 5.38
C GLN C 166 2.13 -4.47 4.16
N ILE C 167 1.54 -5.63 4.38
CA ILE C 167 1.40 -6.62 3.30
C ILE C 167 0.37 -6.17 2.23
N SER C 168 -0.79 -5.73 2.71
CA SER C 168 -1.85 -5.12 1.90
C SER C 168 -1.34 -3.98 1.05
N LYS C 169 -0.55 -3.10 1.64
CA LYS C 169 -0.01 -1.94 0.92
C LYS C 169 1.04 -2.37 -0.12
N ASP C 170 1.84 -3.38 0.23
CA ASP C 170 2.84 -3.89 -0.71
C ASP C 170 2.18 -4.51 -1.94
N TYR C 171 1.02 -5.13 -1.70
CA TYR C 171 0.23 -5.75 -2.76
C TYR C 171 -0.74 -4.81 -3.46
N GLY C 172 -0.77 -3.54 -3.03
CA GLY C 172 -1.66 -2.52 -3.66
C GLY C 172 -3.15 -2.74 -3.46
N VAL C 173 -3.55 -3.37 -2.36
CA VAL C 173 -4.95 -3.70 -2.14
C VAL C 173 -5.57 -3.03 -0.93
N TYR C 174 -4.76 -2.25 -0.21
CA TYR C 174 -5.21 -1.59 1.00
C TYR C 174 -6.12 -0.40 0.63
N LEU C 175 -7.26 -0.23 1.32
CA LEU C 175 -8.15 0.97 1.15
C LEU C 175 -7.96 1.97 2.31
N GLU C 176 -7.23 3.05 2.01
CA GLU C 176 -6.89 4.05 3.01
CA GLU C 176 -6.89 4.11 2.96
C GLU C 176 -8.07 4.66 3.76
N ASP C 177 -9.20 4.90 3.08
CA ASP C 177 -10.40 5.49 3.68
CA ASP C 177 -10.35 5.52 3.75
C ASP C 177 -11.12 4.51 4.61
N SER C 178 -10.94 3.21 4.35
CA SER C 178 -11.68 2.14 5.04
C SER C 178 -10.87 1.36 6.06
N GLY C 179 -9.55 1.27 5.86
CA GLY C 179 -8.70 0.58 6.82
C GLY C 179 -8.66 -0.94 6.64
N HIS C 180 -9.03 -1.44 5.45
CA HIS C 180 -8.97 -2.90 5.17
C HIS C 180 -8.81 -3.03 3.65
N THR C 181 -8.70 -4.25 3.13
CA THR C 181 -8.42 -4.48 1.73
C THR C 181 -9.69 -4.58 0.90
N LEU C 182 -9.55 -4.45 -0.42
CA LEU C 182 -10.61 -4.88 -1.29
C LEU C 182 -10.40 -6.38 -1.53
N ARG C 183 -11.10 -6.96 -2.52
CA ARG C 183 -10.96 -8.40 -2.78
C ARG C 183 -9.90 -8.56 -3.85
N GLY C 184 -8.66 -8.74 -3.41
CA GLY C 184 -7.54 -8.92 -4.32
C GLY C 184 -6.99 -10.33 -4.33
N LEU C 185 -6.84 -10.93 -5.51
CA LEU C 185 -6.30 -12.26 -5.60
C LEU C 185 -5.07 -12.23 -6.54
N PHE C 186 -4.05 -13.04 -6.20
CA PHE C 186 -2.74 -13.03 -6.83
C PHE C 186 -2.33 -14.46 -7.10
N ILE C 187 -1.92 -14.75 -8.33
CA ILE C 187 -1.42 -16.07 -8.67
C ILE C 187 0.08 -16.01 -8.82
N ILE C 188 0.75 -16.72 -7.94
CA ILE C 188 2.23 -16.69 -7.89
C ILE C 188 2.74 -18.07 -8.27
N ASP C 189 3.71 -18.10 -9.18
CA ASP C 189 4.18 -19.41 -9.66
C ASP C 189 5.23 -20.06 -8.74
N ASP C 190 5.64 -21.28 -9.07
CA ASP C 190 6.56 -22.05 -8.24
C ASP C 190 7.94 -21.39 -8.13
N LYS C 191 8.25 -20.42 -9.00
CA LYS C 191 9.54 -19.71 -8.91
C LYS C 191 9.39 -18.38 -8.17
N GLY C 192 8.19 -18.11 -7.66
CA GLY C 192 7.93 -16.90 -6.86
C GLY C 192 7.54 -15.68 -7.69
N ILE C 193 7.31 -15.88 -8.98
CA ILE C 193 6.93 -14.81 -9.88
C ILE C 193 5.42 -14.59 -9.91
N LEU C 194 5.00 -13.32 -9.89
CA LEU C 194 3.60 -12.96 -9.99
C LEU C 194 3.13 -13.07 -11.44
N ARG C 195 2.07 -13.86 -11.64
CA ARG C 195 1.53 -14.13 -12.97
C ARG C 195 0.19 -13.47 -13.24
N GLN C 196 -0.58 -13.18 -12.20
CA GLN C 196 -1.99 -12.80 -12.42
C GLN C 196 -2.49 -12.03 -11.23
N ILE C 197 -3.22 -10.95 -11.48
CA ILE C 197 -3.79 -10.08 -10.45
C ILE C 197 -5.28 -9.88 -10.76
N THR C 198 -6.15 -10.17 -9.79
CA THR C 198 -7.59 -9.99 -9.94
C THR C 198 -8.03 -9.10 -8.76
N LEU C 199 -8.53 -7.91 -9.05
CA LEU C 199 -9.03 -7.03 -8.00
C LEU C 199 -10.54 -6.79 -8.17
N ASN C 200 -11.34 -7.17 -7.18
CA ASN C 200 -12.78 -6.90 -7.18
C ASN C 200 -13.12 -5.83 -6.17
N ASP C 201 -13.98 -4.90 -6.56
CA ASP C 201 -14.68 -4.07 -5.60
C ASP C 201 -15.45 -4.96 -4.58
N LEU C 202 -15.70 -4.39 -3.41
CA LEU C 202 -16.30 -5.08 -2.26
C LEU C 202 -17.54 -5.97 -2.51
N PRO C 203 -18.55 -5.49 -3.25
CA PRO C 203 -19.80 -6.25 -3.39
C PRO C 203 -19.73 -7.62 -4.09
N VAL C 204 -18.64 -7.92 -4.77
CA VAL C 204 -18.67 -9.04 -5.72
C VAL C 204 -17.54 -10.01 -5.46
N GLY C 205 -17.93 -11.25 -5.15
CA GLY C 205 -16.97 -12.33 -4.90
C GLY C 205 -16.25 -12.88 -6.13
N ARG C 206 -15.19 -13.62 -5.86
CA ARG C 206 -14.33 -14.22 -6.87
C ARG C 206 -14.84 -15.62 -7.22
N SER C 207 -14.25 -16.25 -8.23
CA SER C 207 -14.70 -17.56 -8.71
C SER C 207 -13.58 -18.57 -8.55
N VAL C 208 -13.88 -19.71 -7.93
CA VAL C 208 -12.88 -20.78 -7.81
C VAL C 208 -12.61 -21.43 -9.17
N ASP C 209 -13.65 -21.65 -9.95
CA ASP C 209 -13.49 -22.19 -11.30
C ASP C 209 -12.48 -21.40 -12.09
N GLU C 210 -12.67 -20.08 -12.10
CA GLU C 210 -11.82 -19.21 -12.89
C GLU C 210 -10.39 -19.20 -12.39
N THR C 211 -10.22 -19.26 -11.06
CA THR C 211 -8.89 -19.27 -10.44
C THR C 211 -8.17 -20.58 -10.81
N LEU C 212 -8.90 -21.68 -10.74
CA LEU C 212 -8.42 -22.97 -11.22
C LEU C 212 -8.00 -22.95 -12.70
N ARG C 213 -8.88 -22.42 -13.56
CA ARG C 213 -8.59 -22.32 -14.99
C ARG C 213 -7.27 -21.57 -15.21
N LEU C 214 -7.10 -20.45 -14.53
CA LEU C 214 -5.87 -19.66 -14.65
C LEU C 214 -4.60 -20.37 -14.17
N VAL C 215 -4.66 -21.00 -13.00
CA VAL C 215 -3.52 -21.80 -12.50
C VAL C 215 -3.11 -22.84 -13.52
N GLN C 216 -4.09 -23.58 -14.05
CA GLN C 216 -3.85 -24.63 -15.05
C GLN C 216 -3.23 -24.08 -16.29
N ALA C 217 -3.76 -22.96 -16.75
CA ALA C 217 -3.24 -22.29 -17.94
C ALA C 217 -1.78 -21.84 -17.77
N PHE C 218 -1.44 -21.22 -16.63
CA PHE C 218 -0.06 -20.77 -16.42
C PHE C 218 0.87 -21.95 -16.32
N GLN C 219 0.40 -23.04 -15.70
CA GLN C 219 1.23 -24.23 -15.60
C GLN C 219 1.43 -24.87 -16.99
N TYR C 220 0.42 -24.79 -17.83
CA TYR C 220 0.52 -25.38 -19.17
C TYR C 220 1.56 -24.60 -19.99
N THR C 221 1.47 -23.27 -19.95
CA THR C 221 2.38 -22.44 -20.69
C THR C 221 3.79 -22.44 -20.13
N ASP C 222 3.95 -22.73 -18.82
CA ASP C 222 5.30 -22.91 -18.26
C ASP C 222 6.00 -24.11 -18.90
N LYS C 223 5.24 -25.17 -19.13
CA LYS C 223 5.80 -26.44 -19.62
C LYS C 223 5.88 -26.59 -21.13
N HIS C 224 5.00 -25.92 -21.87
CA HIS C 224 4.95 -26.08 -23.31
C HIS C 224 5.33 -24.79 -24.04
N GLY C 225 5.77 -24.93 -25.28
CA GLY C 225 6.11 -23.78 -26.12
C GLY C 225 4.89 -23.30 -26.90
N GLU C 226 3.73 -23.43 -26.27
CA GLU C 226 2.45 -22.96 -26.83
C GLU C 226 1.76 -22.07 -25.82
N VAL C 227 0.89 -21.18 -26.31
CA VAL C 227 0.14 -20.21 -25.47
C VAL C 227 -1.38 -20.45 -25.51
N CYS C 228 -2.08 -19.98 -24.46
CA CYS C 228 -3.50 -20.26 -24.23
C CYS C 228 -4.47 -19.17 -24.72
N PRO C 229 -5.34 -19.55 -25.68
CA PRO C 229 -6.37 -18.68 -26.27
C PRO C 229 -7.39 -18.25 -25.23
N ALA C 230 -8.17 -17.21 -25.56
CA ALA C 230 -9.34 -16.81 -24.77
C ALA C 230 -10.15 -18.04 -24.36
N GLY C 231 -10.60 -18.12 -23.10
CA GLY C 231 -11.43 -19.22 -22.59
C GLY C 231 -10.81 -20.63 -22.53
N TRP C 232 -9.48 -20.75 -22.72
CA TRP C 232 -8.79 -22.06 -22.65
C TRP C 232 -9.12 -22.85 -21.37
N LYS C 233 -9.39 -24.14 -21.50
CA LYS C 233 -9.44 -25.07 -20.38
C LYS C 233 -8.61 -26.29 -20.77
N PRO C 234 -8.21 -27.14 -19.79
CA PRO C 234 -7.50 -28.39 -20.13
C PRO C 234 -8.17 -29.14 -21.31
N GLY C 235 -7.37 -29.54 -22.30
CA GLY C 235 -7.89 -30.22 -23.50
C GLY C 235 -8.25 -29.31 -24.67
N SER C 236 -8.19 -27.99 -24.48
CA SER C 236 -8.47 -27.01 -25.53
C SER C 236 -7.26 -26.83 -26.43
N GLU C 237 -7.54 -26.35 -27.65
CA GLU C 237 -6.49 -26.02 -28.63
CA GLU C 237 -6.49 -26.04 -28.61
C GLU C 237 -5.61 -24.88 -28.12
N THR C 238 -4.32 -24.95 -28.44
CA THR C 238 -3.38 -23.89 -28.05
C THR C 238 -2.71 -23.38 -29.32
N ILE C 239 -1.94 -22.29 -29.18
CA ILE C 239 -1.29 -21.66 -30.33
C ILE C 239 0.25 -21.68 -30.22
N ILE C 240 0.91 -21.96 -31.33
CA ILE C 240 2.36 -21.77 -31.40
C ILE C 240 2.66 -20.28 -31.69
N PRO C 241 3.36 -19.58 -30.77
CA PRO C 241 3.55 -18.13 -30.88
C PRO C 241 4.69 -17.78 -31.85
N ASP C 242 4.47 -18.10 -33.11
CA ASP C 242 5.40 -17.85 -34.21
C ASP C 242 4.51 -17.45 -35.39
N PRO C 243 4.99 -16.55 -36.27
CA PRO C 243 4.07 -16.12 -37.34
C PRO C 243 3.72 -17.22 -38.35
N ALA C 244 4.55 -18.25 -38.44
CA ALA C 244 4.29 -19.40 -39.32
C ALA C 244 3.53 -20.50 -38.55
N GLY C 245 4.08 -20.88 -37.41
CA GLY C 245 3.46 -21.87 -36.52
C GLY C 245 2.03 -21.56 -36.08
N LYS C 246 1.72 -20.26 -35.90
CA LYS C 246 0.37 -19.84 -35.48
C LYS C 246 -0.73 -20.36 -36.41
N LEU C 247 -0.39 -20.52 -37.70
CA LEU C 247 -1.36 -20.88 -38.73
C LEU C 247 -1.97 -22.25 -38.51
N LYS C 248 -1.25 -23.12 -37.81
CA LYS C 248 -1.80 -24.45 -37.50
C LYS C 248 -3.04 -24.32 -36.63
N TYR C 249 -2.98 -23.40 -35.67
CA TYR C 249 -4.15 -23.07 -34.88
C TYR C 249 -5.21 -22.33 -35.71
N PHE C 250 -4.85 -21.24 -36.37
CA PHE C 250 -5.85 -20.40 -37.05
C PHE C 250 -6.52 -21.02 -38.28
N ASP C 251 -5.81 -21.86 -39.02
CA ASP C 251 -6.45 -22.49 -40.17
C ASP C 251 -7.50 -23.56 -39.75
N LYS C 252 -8.74 -23.09 -39.57
CA LYS C 252 -9.83 -23.77 -38.84
C LYS C 252 -11.02 -22.79 -38.78
N HIS D 58 5.66 0.59 -8.94
CA HIS D 58 4.50 0.52 -9.89
C HIS D 58 3.42 1.59 -9.63
N LEU D 59 3.15 2.38 -10.68
CA LEU D 59 2.26 3.54 -10.66
C LEU D 59 1.15 3.38 -11.69
N SER D 60 -0.01 4.02 -11.42
CA SER D 60 -1.22 3.88 -12.25
C SER D 60 -2.21 4.95 -11.75
N LYS D 61 -3.15 5.38 -12.59
CA LYS D 61 -4.28 6.19 -12.10
C LYS D 61 -5.53 5.36 -11.85
N ALA D 62 -5.48 4.07 -12.19
CA ALA D 62 -6.66 3.22 -12.12
C ALA D 62 -6.88 2.74 -10.68
N LYS D 63 -7.96 3.17 -10.05
CA LYS D 63 -8.25 2.76 -8.67
C LYS D 63 -9.68 2.29 -8.59
N ILE D 64 -9.88 1.08 -8.07
CA ILE D 64 -11.22 0.54 -7.86
C ILE D 64 -12.01 1.49 -6.97
N SER D 65 -13.27 1.72 -7.33
CA SER D 65 -14.23 2.55 -6.60
C SER D 65 -13.99 4.04 -6.81
N LYS D 66 -13.06 4.42 -7.68
CA LYS D 66 -12.88 5.82 -8.12
C LYS D 66 -13.17 5.94 -9.63
N PRO D 67 -13.48 7.18 -10.11
CA PRO D 67 -13.74 7.30 -11.56
C PRO D 67 -12.57 6.70 -12.35
N ALA D 68 -12.90 5.86 -13.35
CA ALA D 68 -11.91 5.35 -14.30
C ALA D 68 -11.14 6.50 -14.96
N PRO D 69 -9.82 6.33 -15.16
CA PRO D 69 -9.03 7.40 -15.80
C PRO D 69 -9.61 7.75 -17.18
N TYR D 70 -9.85 9.05 -17.41
CA TYR D 70 -10.31 9.49 -18.70
C TYR D 70 -9.36 9.03 -19.81
N TRP D 71 -9.91 8.66 -20.96
CA TRP D 71 -9.08 8.45 -22.14
C TRP D 71 -9.82 8.95 -23.37
N GLU D 72 -9.05 9.21 -24.44
CA GLU D 72 -9.59 9.54 -25.74
C GLU D 72 -8.54 9.22 -26.77
N GLY D 73 -8.96 8.84 -27.96
CA GLY D 73 -8.02 8.53 -29.03
C GLY D 73 -8.77 8.09 -30.27
N THR D 74 -8.03 7.64 -31.26
CA THR D 74 -8.61 7.16 -32.50
C THR D 74 -8.85 5.66 -32.41
N ALA D 75 -10.07 5.25 -32.75
CA ALA D 75 -10.42 3.85 -32.83
C ALA D 75 -10.80 3.51 -34.26
N VAL D 76 -10.65 2.24 -34.63
CA VAL D 76 -11.30 1.78 -35.85
C VAL D 76 -12.67 1.27 -35.41
N ILE D 77 -13.73 1.81 -36.01
CA ILE D 77 -15.12 1.41 -35.72
C ILE D 77 -15.77 1.21 -37.09
N ASP D 78 -16.26 0.00 -37.35
CA ASP D 78 -16.86 -0.37 -38.64
CA ASP D 78 -16.85 -0.35 -38.66
C ASP D 78 -15.96 0.07 -39.84
N GLY D 79 -14.67 -0.23 -39.72
CA GLY D 79 -13.71 0.02 -40.79
C GLY D 79 -13.29 1.47 -41.00
N GLU D 80 -13.66 2.35 -40.08
CA GLU D 80 -13.35 3.77 -40.24
C GLU D 80 -12.69 4.34 -39.01
N PHE D 81 -11.96 5.43 -39.19
CA PHE D 81 -11.24 6.06 -38.08
C PHE D 81 -12.19 7.01 -37.37
N LYS D 82 -12.40 6.81 -36.06
CA LYS D 82 -13.29 7.71 -35.33
C LYS D 82 -12.63 8.11 -34.00
N GLU D 83 -12.86 9.34 -33.58
CA GLU D 83 -12.44 9.75 -32.24
C GLU D 83 -13.39 9.08 -31.24
N LEU D 84 -12.81 8.43 -30.24
CA LEU D 84 -13.56 7.74 -29.20
C LEU D 84 -13.08 8.18 -27.82
N LYS D 85 -14.01 8.29 -26.87
CA LYS D 85 -13.70 8.85 -25.53
C LYS D 85 -14.37 8.02 -24.46
N LEU D 86 -13.75 7.91 -23.30
CA LEU D 86 -14.37 7.16 -22.20
C LEU D 86 -15.78 7.70 -21.92
N THR D 87 -15.92 9.03 -21.93
CA THR D 87 -17.20 9.67 -21.63
C THR D 87 -18.35 9.31 -22.61
N ASP D 88 -18.03 8.80 -23.79
CA ASP D 88 -19.06 8.32 -24.73
C ASP D 88 -19.88 7.15 -24.16
N TYR D 89 -19.35 6.50 -23.12
CA TYR D 89 -19.93 5.29 -22.52
C TYR D 89 -20.70 5.54 -21.23
N ARG D 90 -20.80 6.79 -20.81
CA ARG D 90 -21.59 7.08 -19.63
C ARG D 90 -23.04 6.66 -19.89
N GLY D 91 -23.70 6.08 -18.89
CA GLY D 91 -25.05 5.52 -19.06
C GLY D 91 -25.00 4.02 -19.26
N LYS D 92 -23.81 3.48 -19.60
CA LYS D 92 -23.65 2.03 -19.86
C LYS D 92 -22.48 1.48 -19.10
N TYR D 93 -22.50 0.18 -18.83
CA TYR D 93 -21.28 -0.50 -18.37
C TYR D 93 -20.28 -0.61 -19.53
N LEU D 94 -18.99 -0.57 -19.21
CA LEU D 94 -17.96 -0.77 -20.22
C LEU D 94 -16.93 -1.82 -19.80
N VAL D 95 -16.71 -2.79 -20.68
CA VAL D 95 -15.58 -3.68 -20.56
C VAL D 95 -14.48 -3.09 -21.46
N PHE D 96 -13.40 -2.61 -20.82
CA PHE D 96 -12.34 -1.90 -21.55
C PHE D 96 -11.13 -2.73 -21.36
N PHE D 97 -10.62 -3.33 -22.42
CA PHE D 97 -9.46 -4.21 -22.28
C PHE D 97 -8.30 -3.94 -23.25
N PHE D 98 -7.09 -4.13 -22.74
CA PHE D 98 -5.87 -3.91 -23.49
C PHE D 98 -5.41 -5.29 -23.92
N TYR D 99 -4.83 -5.40 -25.11
CA TYR D 99 -4.11 -6.63 -25.48
C TYR D 99 -2.75 -6.16 -26.02
N PRO D 100 -1.73 -7.02 -25.96
CA PRO D 100 -0.38 -6.59 -26.32
C PRO D 100 -0.17 -6.01 -27.73
N LEU D 101 -0.45 -6.78 -28.79
CA LEU D 101 0.03 -6.43 -30.12
C LEU D 101 -0.84 -7.04 -31.22
N ASP D 102 -1.13 -6.25 -32.24
CA ASP D 102 -1.76 -6.73 -33.45
C ASP D 102 -0.85 -7.74 -34.14
N PHE D 103 -1.47 -8.68 -34.87
CA PHE D 103 -0.74 -9.74 -35.60
C PHE D 103 0.00 -10.73 -34.73
N THR D 104 -0.44 -10.88 -33.47
CA THR D 104 0.09 -11.88 -32.60
C THR D 104 -0.91 -13.06 -32.44
N PHE D 105 -0.95 -13.65 -31.24
CA PHE D 105 -1.37 -15.04 -31.05
C PHE D 105 -2.54 -15.18 -30.11
N VAL D 106 -2.33 -14.97 -28.80
CA VAL D 106 -3.47 -14.95 -27.90
C VAL D 106 -4.49 -13.81 -28.19
N CYS D 107 -3.95 -12.64 -28.56
CA CYS D 107 -4.76 -11.42 -28.76
C CYS D 107 -5.96 -11.54 -29.75
N PRO D 108 -5.74 -12.02 -30.98
CA PRO D 108 -6.91 -12.21 -31.87
C PRO D 108 -8.02 -13.11 -31.28
N THR D 109 -7.65 -14.21 -30.62
CA THR D 109 -8.64 -15.09 -29.98
C THR D 109 -9.48 -14.32 -28.95
N GLU D 110 -8.85 -13.46 -28.14
CA GLU D 110 -9.60 -12.65 -27.16
C GLU D 110 -10.47 -11.62 -27.80
N ILE D 111 -9.95 -10.94 -28.80
CA ILE D 111 -10.78 -9.94 -29.47
C ILE D 111 -11.99 -10.64 -30.14
N ILE D 112 -11.74 -11.79 -30.77
CA ILE D 112 -12.75 -12.49 -31.54
C ILE D 112 -13.79 -13.05 -30.55
N ALA D 113 -13.30 -13.64 -29.45
CA ALA D 113 -14.19 -14.16 -28.39
C ALA D 113 -15.23 -13.13 -27.93
N PHE D 114 -14.76 -11.92 -27.63
CA PHE D 114 -15.64 -10.82 -27.17
C PHE D 114 -16.54 -10.27 -28.27
N GLY D 115 -15.98 -10.10 -29.47
CA GLY D 115 -16.71 -9.65 -30.66
C GLY D 115 -17.85 -10.58 -31.01
N ASP D 116 -17.57 -11.88 -31.06
CA ASP D 116 -18.57 -12.82 -31.48
C ASP D 116 -19.65 -12.99 -30.44
N ARG D 117 -19.37 -12.56 -29.21
CA ARG D 117 -20.33 -12.65 -28.12
C ARG D 117 -20.85 -11.29 -27.67
N LEU D 118 -20.61 -10.25 -28.47
CA LEU D 118 -21.01 -8.88 -28.11
C LEU D 118 -22.48 -8.73 -27.60
N GLU D 119 -23.41 -9.49 -28.18
CA GLU D 119 -24.81 -9.36 -27.81
C GLU D 119 -25.07 -9.70 -26.35
N GLU D 120 -24.29 -10.62 -25.79
CA GLU D 120 -24.42 -10.98 -24.38
C GLU D 120 -24.06 -9.80 -23.44
N PHE D 121 -23.24 -8.87 -23.94
CA PHE D 121 -22.93 -7.63 -23.21
C PHE D 121 -24.00 -6.58 -23.53
N ARG D 122 -24.30 -6.41 -24.82
CA ARG D 122 -25.26 -5.39 -25.22
C ARG D 122 -26.67 -5.59 -24.66
N SER D 123 -27.08 -6.83 -24.48
CA SER D 123 -28.43 -7.11 -23.97
C SER D 123 -28.52 -6.81 -22.46
N ILE D 124 -27.37 -6.65 -21.81
CA ILE D 124 -27.31 -6.10 -20.44
C ILE D 124 -26.61 -4.71 -20.39
N ASN D 125 -26.84 -3.89 -21.40
CA ASN D 125 -26.46 -2.47 -21.35
C ASN D 125 -24.94 -2.28 -21.11
N THR D 126 -24.14 -3.17 -21.73
CA THR D 126 -22.68 -3.15 -21.56
C THR D 126 -22.03 -3.09 -22.94
N GLU D 127 -21.01 -2.27 -23.08
CA GLU D 127 -20.25 -2.20 -24.32
C GLU D 127 -18.85 -2.76 -24.09
N VAL D 128 -18.14 -2.99 -25.18
CA VAL D 128 -16.82 -3.55 -25.11
C VAL D 128 -15.85 -2.73 -26.02
N VAL D 129 -14.67 -2.37 -25.48
CA VAL D 129 -13.64 -1.67 -26.27
C VAL D 129 -12.32 -2.33 -26.04
N ALA D 130 -11.60 -2.61 -27.12
CA ALA D 130 -10.26 -3.19 -27.05
C ALA D 130 -9.24 -2.11 -27.41
N CYS D 131 -8.05 -2.20 -26.84
CA CYS D 131 -7.00 -1.18 -27.00
C CYS D 131 -5.65 -1.88 -27.08
N SER D 132 -4.80 -1.48 -28.05
CA SER D 132 -3.36 -1.82 -27.99
C SER D 132 -2.53 -0.59 -28.35
N VAL D 133 -1.21 -0.72 -28.21
CA VAL D 133 -0.32 0.38 -28.59
C VAL D 133 -0.16 0.54 -30.12
N ASP D 134 -0.74 -0.37 -30.91
CA ASP D 134 -0.66 -0.27 -32.36
C ASP D 134 -1.38 0.97 -32.92
N SER D 135 -0.95 1.41 -34.11
CA SER D 135 -1.64 2.49 -34.83
C SER D 135 -3.00 2.06 -35.37
N GLN D 136 -3.84 3.03 -35.69
CA GLN D 136 -5.12 2.76 -36.29
C GLN D 136 -4.94 2.14 -37.68
N PHE D 137 -3.82 2.47 -38.35
CA PHE D 137 -3.56 1.94 -39.68
C PHE D 137 -3.27 0.44 -39.55
N THR D 138 -2.51 0.06 -38.51
CA THR D 138 -2.25 -1.37 -38.26
C THR D 138 -3.54 -2.11 -37.80
N HIS D 139 -4.33 -1.47 -36.94
CA HIS D 139 -5.63 -2.04 -36.54
C HIS D 139 -6.49 -2.38 -37.78
N LEU D 140 -6.58 -1.42 -38.70
CA LEU D 140 -7.36 -1.61 -39.90
C LEU D 140 -6.81 -2.69 -40.83
N ALA D 141 -5.51 -2.73 -41.03
CA ALA D 141 -4.90 -3.85 -41.75
C ALA D 141 -5.20 -5.20 -41.10
N TRP D 142 -5.15 -5.28 -39.78
CA TRP D 142 -5.42 -6.53 -39.06
C TRP D 142 -6.87 -6.98 -39.25
N ILE D 143 -7.78 -6.01 -39.22
CA ILE D 143 -9.19 -6.27 -39.47
C ILE D 143 -9.40 -6.77 -40.92
N ASN D 144 -8.72 -6.13 -41.87
CA ASN D 144 -8.72 -6.61 -43.28
C ASN D 144 -7.92 -7.90 -43.52
N THR D 145 -7.46 -8.55 -42.47
CA THR D 145 -6.78 -9.84 -42.60
C THR D 145 -7.74 -10.96 -42.19
N PRO D 146 -7.90 -12.01 -43.04
CA PRO D 146 -8.83 -13.12 -42.75
C PRO D 146 -8.47 -13.87 -41.46
N ARG D 147 -9.48 -14.31 -40.73
CA ARG D 147 -9.29 -15.02 -39.46
C ARG D 147 -8.34 -16.22 -39.56
N ARG D 148 -8.40 -16.94 -40.67
CA ARG D 148 -7.61 -18.15 -40.78
C ARG D 148 -6.10 -17.84 -40.91
N GLN D 149 -5.80 -16.55 -41.11
CA GLN D 149 -4.43 -16.06 -41.20
CA GLN D 149 -4.43 -16.06 -41.21
C GLN D 149 -4.03 -15.35 -39.90
N GLY D 150 -4.81 -15.56 -38.84
CA GLY D 150 -4.54 -14.88 -37.58
C GLY D 150 -5.05 -13.45 -37.56
N GLY D 151 -5.82 -13.07 -38.58
CA GLY D 151 -6.39 -11.71 -38.65
C GLY D 151 -7.64 -11.66 -37.81
N LEU D 152 -8.26 -10.49 -37.75
CA LEU D 152 -9.50 -10.37 -36.98
C LEU D 152 -10.72 -10.66 -37.82
N GLY D 153 -10.62 -10.37 -39.11
CA GLY D 153 -11.82 -10.27 -39.95
C GLY D 153 -12.60 -9.03 -39.54
N PRO D 154 -13.73 -8.75 -40.23
CA PRO D 154 -14.57 -7.63 -39.79
C PRO D 154 -14.96 -7.83 -38.31
N ILE D 155 -15.16 -6.75 -37.57
CA ILE D 155 -15.33 -6.89 -36.11
C ILE D 155 -16.25 -5.78 -35.60
N ARG D 156 -17.08 -6.08 -34.60
CA ARG D 156 -18.08 -5.12 -34.17
C ARG D 156 -17.68 -4.31 -32.93
N ILE D 157 -16.51 -4.64 -32.37
CA ILE D 157 -15.90 -3.99 -31.18
C ILE D 157 -14.87 -2.94 -31.66
N PRO D 158 -14.94 -1.68 -31.14
CA PRO D 158 -13.92 -0.67 -31.51
C PRO D 158 -12.51 -1.13 -31.15
N LEU D 159 -11.54 -0.81 -32.00
CA LEU D 159 -10.15 -1.02 -31.67
C LEU D 159 -9.48 0.33 -31.47
N LEU D 160 -9.22 0.63 -30.22
CA LEU D 160 -8.61 1.88 -29.84
C LEU D 160 -7.10 1.80 -29.99
N SER D 161 -6.54 2.87 -30.59
CA SER D 161 -5.09 2.97 -30.73
C SER D 161 -4.47 3.80 -29.63
N ASP D 162 -3.45 3.25 -28.97
CA ASP D 162 -2.68 3.99 -27.95
C ASP D 162 -1.21 4.20 -28.34
N LEU D 163 -0.95 4.77 -29.52
CA LEU D 163 0.43 4.97 -29.99
C LEU D 163 1.37 5.71 -29.03
N THR D 164 0.87 6.74 -28.36
CA THR D 164 1.69 7.53 -27.45
C THR D 164 1.96 6.81 -26.14
N HIS D 165 1.21 5.73 -25.89
CA HIS D 165 1.29 4.95 -24.62
C HIS D 165 0.70 5.63 -23.39
N GLN D 166 0.10 6.81 -23.56
N GLN D 166 0.09 6.80 -23.55
CA GLN D 166 -0.50 7.57 -22.45
CA GLN D 166 -0.45 7.55 -22.41
C GLN D 166 -1.59 6.78 -21.74
C GLN D 166 -1.63 6.85 -21.74
N ILE D 167 -2.52 6.24 -22.53
CA ILE D 167 -3.66 5.50 -21.96
C ILE D 167 -3.18 4.24 -21.19
N SER D 168 -2.28 3.49 -21.82
CA SER D 168 -1.72 2.28 -21.18
C SER D 168 -1.06 2.62 -19.82
N LYS D 169 -0.33 3.74 -19.79
CA LYS D 169 0.35 4.16 -18.54
C LYS D 169 -0.64 4.59 -17.48
N ASP D 170 -1.67 5.33 -17.90
CA ASP D 170 -2.70 5.79 -16.97
C ASP D 170 -3.41 4.60 -16.35
N TYR D 171 -3.54 3.51 -17.12
CA TYR D 171 -4.21 2.30 -16.65
C TYR D 171 -3.30 1.28 -15.97
N GLY D 172 -1.99 1.57 -15.93
CA GLY D 172 -1.03 0.70 -15.25
C GLY D 172 -0.68 -0.59 -15.94
N VAL D 173 -0.85 -0.65 -17.26
CA VAL D 173 -0.70 -1.93 -17.95
C VAL D 173 0.46 -1.92 -18.96
N TYR D 174 1.18 -0.82 -19.02
CA TYR D 174 2.27 -0.62 -19.99
C TYR D 174 3.54 -1.33 -19.52
N LEU D 175 4.16 -2.11 -20.40
CA LEU D 175 5.43 -2.80 -20.04
C LEU D 175 6.60 -2.03 -20.62
N GLU D 176 7.32 -1.33 -19.73
CA GLU D 176 8.40 -0.41 -20.14
CA GLU D 176 8.39 -0.41 -20.14
C GLU D 176 9.48 -1.03 -21.00
N ASP D 177 9.88 -2.24 -20.67
CA ASP D 177 10.93 -2.93 -21.41
C ASP D 177 10.47 -3.58 -22.72
N SER D 178 9.16 -3.76 -22.91
CA SER D 178 8.64 -4.40 -24.11
C SER D 178 8.02 -3.41 -25.09
N GLY D 179 7.52 -2.28 -24.61
CA GLY D 179 6.89 -1.32 -25.51
C GLY D 179 5.43 -1.62 -25.84
N HIS D 180 4.79 -2.47 -25.05
CA HIS D 180 3.36 -2.74 -25.26
C HIS D 180 2.74 -3.11 -23.93
N THR D 181 1.46 -3.47 -23.94
CA THR D 181 0.75 -3.71 -22.68
C THR D 181 0.78 -5.18 -22.32
N LEU D 182 0.46 -5.51 -21.08
CA LEU D 182 0.09 -6.89 -20.80
C LEU D 182 -1.41 -7.08 -21.06
N ARG D 183 -1.99 -8.17 -20.58
CA ARG D 183 -3.44 -8.40 -20.79
C ARG D 183 -4.25 -7.80 -19.64
N GLY D 184 -4.71 -6.58 -19.78
CA GLY D 184 -5.36 -5.89 -18.66
C GLY D 184 -6.81 -5.61 -19.02
N LEU D 185 -7.75 -6.03 -18.17
CA LEU D 185 -9.17 -5.79 -18.39
C LEU D 185 -9.78 -5.01 -17.24
N PHE D 186 -10.64 -4.06 -17.58
CA PHE D 186 -11.23 -3.14 -16.62
C PHE D 186 -12.72 -3.11 -16.81
N ILE D 187 -13.47 -3.30 -15.71
CA ILE D 187 -14.92 -3.17 -15.77
C ILE D 187 -15.29 -1.85 -15.13
N ILE D 188 -15.94 -1.02 -15.93
CA ILE D 188 -16.28 0.33 -15.54
C ILE D 188 -17.80 0.44 -15.56
N ASP D 189 -18.39 0.98 -14.49
CA ASP D 189 -19.86 1.01 -14.42
C ASP D 189 -20.45 2.17 -15.20
N ASP D 190 -21.77 2.30 -15.21
CA ASP D 190 -22.48 3.35 -15.97
C ASP D 190 -22.25 4.79 -15.46
N LYS D 191 -21.73 4.92 -14.24
CA LYS D 191 -21.41 6.23 -13.69
CA LYS D 191 -21.41 6.22 -13.65
C LYS D 191 -19.93 6.54 -13.90
N GLY D 192 -19.26 5.68 -14.67
CA GLY D 192 -17.84 5.82 -14.95
C GLY D 192 -16.88 5.41 -13.83
N ILE D 193 -17.37 4.63 -12.87
CA ILE D 193 -16.55 4.23 -11.71
C ILE D 193 -15.93 2.87 -12.03
N LEU D 194 -14.63 2.73 -11.75
CA LEU D 194 -13.94 1.46 -11.93
C LEU D 194 -14.34 0.44 -10.89
N ARG D 195 -14.76 -0.74 -11.34
CA ARG D 195 -15.28 -1.76 -10.43
C ARG D 195 -14.38 -2.99 -10.30
N GLN D 196 -13.54 -3.25 -11.31
CA GLN D 196 -12.87 -4.56 -11.41
C GLN D 196 -11.67 -4.39 -12.35
N ILE D 197 -10.56 -5.00 -11.96
CA ILE D 197 -9.33 -5.03 -12.68
C ILE D 197 -8.83 -6.48 -12.72
N THR D 198 -8.53 -6.96 -13.93
CA THR D 198 -7.98 -8.27 -14.11
C THR D 198 -6.72 -8.10 -14.99
N LEU D 199 -5.55 -8.48 -14.47
CA LEU D 199 -4.31 -8.37 -15.24
C LEU D 199 -3.72 -9.78 -15.38
N ASN D 200 -3.51 -10.21 -16.63
CA ASN D 200 -2.87 -11.51 -16.93
C ASN D 200 -1.47 -11.31 -17.51
N ASP D 201 -0.52 -12.15 -17.11
CA ASP D 201 0.75 -12.26 -17.83
C ASP D 201 0.46 -12.69 -19.30
N LEU D 202 1.38 -12.37 -20.18
CA LEU D 202 1.27 -12.59 -21.63
C LEU D 202 0.76 -13.94 -22.20
N PRO D 203 1.23 -15.08 -21.66
CA PRO D 203 0.90 -16.38 -22.24
C PRO D 203 -0.55 -16.89 -22.02
N VAL D 204 -1.35 -16.18 -21.23
CA VAL D 204 -2.68 -16.72 -20.85
C VAL D 204 -3.83 -15.73 -21.13
N GLY D 205 -4.78 -16.19 -21.95
CA GLY D 205 -5.92 -15.35 -22.31
C GLY D 205 -6.98 -15.25 -21.23
N ARG D 206 -7.85 -14.26 -21.37
CA ARG D 206 -8.95 -14.00 -20.46
C ARG D 206 -10.20 -14.83 -20.85
N SER D 207 -11.26 -14.72 -20.04
CA SER D 207 -12.50 -15.52 -20.21
C SER D 207 -13.67 -14.55 -20.38
N VAL D 208 -14.41 -14.71 -21.47
CA VAL D 208 -15.63 -13.94 -21.68
C VAL D 208 -16.69 -14.34 -20.64
N ASP D 209 -16.77 -15.64 -20.32
CA ASP D 209 -17.73 -16.15 -19.32
C ASP D 209 -17.50 -15.50 -17.95
N GLU D 210 -16.23 -15.43 -17.53
CA GLU D 210 -15.91 -14.81 -16.22
C GLU D 210 -16.22 -13.33 -16.26
N THR D 211 -15.91 -12.67 -17.38
CA THR D 211 -16.16 -11.24 -17.50
C THR D 211 -17.66 -10.90 -17.45
N LEU D 212 -18.45 -11.70 -18.15
CA LEU D 212 -19.90 -11.60 -18.11
C LEU D 212 -20.48 -11.82 -16.69
N ARG D 213 -20.01 -12.84 -15.99
CA ARG D 213 -20.40 -13.07 -14.62
C ARG D 213 -20.18 -11.84 -13.73
N LEU D 214 -18.98 -11.25 -13.84
CA LEU D 214 -18.65 -10.06 -13.06
C LEU D 214 -19.55 -8.89 -13.41
N VAL D 215 -19.83 -8.69 -14.71
CA VAL D 215 -20.69 -7.56 -15.11
C VAL D 215 -22.08 -7.73 -14.48
N GLN D 216 -22.62 -8.94 -14.61
CA GLN D 216 -23.93 -9.29 -14.07
C GLN D 216 -23.96 -9.08 -12.55
N ALA D 217 -22.94 -9.56 -11.85
CA ALA D 217 -22.87 -9.37 -10.39
C ALA D 217 -22.82 -7.90 -9.96
N PHE D 218 -22.02 -7.07 -10.64
CA PHE D 218 -21.98 -5.65 -10.30
C PHE D 218 -23.31 -4.97 -10.58
N GLN D 219 -23.95 -5.35 -11.67
CA GLN D 219 -25.27 -4.83 -11.96
C GLN D 219 -26.30 -5.29 -10.91
N TYR D 220 -26.20 -6.54 -10.47
CA TYR D 220 -27.14 -7.05 -9.47
C TYR D 220 -26.96 -6.25 -8.16
N THR D 221 -25.70 -6.13 -7.70
CA THR D 221 -25.45 -5.42 -6.44
C THR D 221 -25.70 -3.91 -6.56
N ASP D 222 -25.54 -3.32 -7.74
CA ASP D 222 -25.93 -1.91 -7.93
C ASP D 222 -27.43 -1.74 -7.66
N LYS D 223 -28.23 -2.73 -8.07
CA LYS D 223 -29.69 -2.63 -8.07
C LYS D 223 -30.30 -3.02 -6.72
N HIS D 224 -29.64 -3.94 -6.02
CA HIS D 224 -30.21 -4.55 -4.85
C HIS D 224 -29.35 -4.27 -3.64
N GLY D 225 -29.99 -4.23 -2.47
CA GLY D 225 -29.27 -4.01 -1.21
C GLY D 225 -28.34 -5.15 -0.77
N GLU D 226 -28.24 -6.20 -1.59
CA GLU D 226 -27.57 -7.46 -1.19
C GLU D 226 -26.23 -7.64 -1.89
N VAL D 227 -25.37 -8.48 -1.33
CA VAL D 227 -24.04 -8.72 -1.91
C VAL D 227 -23.86 -10.15 -2.47
N CYS D 228 -22.83 -10.30 -3.31
CA CYS D 228 -22.65 -11.52 -4.13
C CYS D 228 -21.55 -12.45 -3.62
N PRO D 229 -21.95 -13.67 -3.19
CA PRO D 229 -21.01 -14.68 -2.71
C PRO D 229 -20.08 -15.18 -3.82
N ALA D 230 -19.02 -15.89 -3.41
CA ALA D 230 -18.10 -16.58 -4.31
C ALA D 230 -18.85 -17.42 -5.35
N GLY D 231 -18.49 -17.27 -6.62
CA GLY D 231 -19.10 -18.06 -7.71
C GLY D 231 -20.52 -17.65 -8.13
N TRP D 232 -21.10 -16.65 -7.45
CA TRP D 232 -22.43 -16.13 -7.77
C TRP D 232 -22.67 -16.04 -9.28
N LYS D 233 -23.80 -16.58 -9.72
CA LYS D 233 -24.33 -16.38 -11.07
C LYS D 233 -25.80 -15.99 -10.91
N PRO D 234 -26.42 -15.35 -11.95
CA PRO D 234 -27.84 -14.97 -11.85
C PRO D 234 -28.67 -16.18 -11.40
N GLY D 235 -29.49 -15.97 -10.37
CA GLY D 235 -30.26 -17.05 -9.79
C GLY D 235 -29.65 -17.70 -8.55
N SER D 236 -28.40 -17.35 -8.21
CA SER D 236 -27.76 -17.87 -6.99
C SER D 236 -28.22 -17.06 -5.76
N GLU D 237 -28.00 -17.63 -4.58
CA GLU D 237 -28.28 -16.92 -3.32
CA GLU D 237 -28.27 -16.93 -3.31
C GLU D 237 -27.37 -15.70 -3.13
N THR D 238 -27.95 -14.62 -2.58
CA THR D 238 -27.20 -13.40 -2.22
C THR D 238 -27.23 -13.15 -0.70
N ILE D 239 -26.42 -12.20 -0.21
CA ILE D 239 -26.36 -11.91 1.24
C ILE D 239 -26.73 -10.46 1.59
N ILE D 240 -27.60 -10.31 2.58
CA ILE D 240 -27.86 -8.99 3.16
C ILE D 240 -26.65 -8.65 4.02
N PRO D 241 -25.93 -7.55 3.68
CA PRO D 241 -24.71 -7.19 4.39
C PRO D 241 -24.98 -6.47 5.73
N ASP D 242 -25.58 -7.22 6.66
CA ASP D 242 -25.97 -6.78 8.00
C ASP D 242 -25.64 -7.94 8.96
N PRO D 243 -25.14 -7.65 10.19
CA PRO D 243 -24.84 -8.77 11.11
C PRO D 243 -26.05 -9.69 11.46
N ALA D 244 -27.25 -9.12 11.52
CA ALA D 244 -28.46 -9.90 11.81
C ALA D 244 -29.01 -10.48 10.49
N GLY D 245 -29.24 -9.61 9.51
CA GLY D 245 -29.66 -9.97 8.15
C GLY D 245 -28.86 -11.04 7.40
N LYS D 246 -27.53 -11.05 7.54
CA LYS D 246 -26.68 -12.08 6.92
C LYS D 246 -27.10 -13.51 7.29
N LEU D 247 -27.75 -13.68 8.45
CA LEU D 247 -28.14 -15.00 8.98
C LEU D 247 -29.15 -15.76 8.11
N LYS D 248 -30.01 -15.04 7.39
CA LYS D 248 -30.93 -15.66 6.42
C LYS D 248 -30.17 -16.46 5.33
N TYR D 249 -29.01 -15.94 4.93
CA TYR D 249 -28.16 -16.65 3.98
C TYR D 249 -27.43 -17.82 4.65
N PHE D 250 -26.74 -17.56 5.76
CA PHE D 250 -25.90 -18.58 6.41
C PHE D 250 -26.66 -19.78 7.06
N ASP D 251 -27.93 -19.58 7.45
CA ASP D 251 -28.73 -20.69 8.00
CA ASP D 251 -28.80 -20.66 7.99
C ASP D 251 -29.31 -21.60 6.92
N SER E 56 9.08 23.84 -22.70
CA SER E 56 9.46 22.66 -23.52
C SER E 56 10.39 23.09 -24.66
N LEU E 57 11.51 22.36 -24.83
CA LEU E 57 12.49 22.54 -25.92
C LEU E 57 13.17 21.21 -26.37
N HIS E 58 13.85 21.21 -27.52
CA HIS E 58 14.20 19.97 -28.23
C HIS E 58 15.51 19.25 -27.79
N LEU E 59 15.36 17.98 -27.35
CA LEU E 59 16.46 17.15 -26.82
C LEU E 59 16.68 15.94 -27.71
N SER E 60 17.94 15.51 -27.83
CA SER E 60 18.33 14.34 -28.63
C SER E 60 19.77 13.92 -28.23
N LYS E 61 20.18 12.68 -28.51
CA LYS E 61 21.58 12.31 -28.32
C LYS E 61 22.38 12.39 -29.63
N ALA E 62 21.71 12.63 -30.75
CA ALA E 62 22.39 12.61 -32.03
C ALA E 62 23.14 13.91 -32.28
N LYS E 63 24.45 13.84 -32.36
CA LYS E 63 25.30 15.01 -32.67
C LYS E 63 26.26 14.66 -33.76
N ILE E 64 26.27 15.52 -34.75
CA ILE E 64 27.16 15.40 -35.90
C ILE E 64 28.60 15.55 -35.42
N SER E 65 29.46 14.64 -35.88
CA SER E 65 30.90 14.46 -35.55
C SER E 65 31.18 13.72 -34.25
N LYS E 66 30.13 13.21 -33.63
CA LYS E 66 30.20 12.42 -32.41
C LYS E 66 29.63 11.05 -32.76
N PRO E 67 30.02 10.00 -31.99
CA PRO E 67 29.46 8.69 -32.27
C PRO E 67 27.94 8.74 -32.33
N ALA E 68 27.36 8.11 -33.35
CA ALA E 68 25.91 7.92 -33.40
C ALA E 68 25.40 7.24 -32.12
N PRO E 69 24.25 7.68 -31.60
CA PRO E 69 23.69 7.03 -30.42
C PRO E 69 23.52 5.50 -30.62
N TYR E 70 24.01 4.69 -29.71
CA TYR E 70 23.85 3.24 -29.81
C TYR E 70 22.36 2.85 -29.86
N TRP E 71 22.01 1.86 -30.69
CA TRP E 71 20.67 1.28 -30.65
C TRP E 71 20.78 -0.19 -30.81
N GLU E 72 19.77 -0.90 -30.30
CA GLU E 72 19.56 -2.30 -30.54
C GLU E 72 18.07 -2.64 -30.50
N GLY E 73 17.69 -3.68 -31.23
CA GLY E 73 16.32 -4.18 -31.09
C GLY E 73 16.04 -5.30 -32.07
N THR E 74 14.76 -5.63 -32.25
CA THR E 74 14.36 -6.66 -33.20
C THR E 74 14.04 -6.06 -34.56
N ALA E 75 14.62 -6.68 -35.57
CA ALA E 75 14.38 -6.29 -36.96
C ALA E 75 13.83 -7.45 -37.73
N VAL E 76 13.13 -7.16 -38.82
CA VAL E 76 12.73 -8.22 -39.74
C VAL E 76 13.77 -8.22 -40.84
N ILE E 77 14.43 -9.35 -41.04
CA ILE E 77 15.52 -9.47 -42.00
C ILE E 77 15.21 -10.74 -42.80
N ASP E 78 14.91 -10.55 -44.08
CA ASP E 78 14.52 -11.64 -44.99
CA ASP E 78 14.55 -11.67 -44.97
C ASP E 78 13.42 -12.53 -44.38
N GLY E 79 12.35 -11.86 -43.94
CA GLY E 79 11.15 -12.49 -43.38
C GLY E 79 11.30 -13.12 -41.99
N GLU E 80 12.41 -12.87 -41.32
CA GLU E 80 12.69 -13.46 -40.02
CA GLU E 80 12.70 -13.49 -40.04
C GLU E 80 13.02 -12.43 -38.98
N PHE E 81 12.70 -12.72 -37.73
CA PHE E 81 13.03 -11.82 -36.61
C PHE E 81 14.49 -12.03 -36.21
N LYS E 82 15.27 -10.96 -36.15
CA LYS E 82 16.69 -11.04 -35.75
C LYS E 82 17.05 -9.87 -34.83
N GLU E 83 17.92 -10.14 -33.86
CA GLU E 83 18.68 -9.14 -33.05
CA GLU E 83 18.45 -9.00 -33.10
C GLU E 83 19.45 -8.24 -34.00
N LEU E 84 19.31 -6.92 -33.94
CA LEU E 84 20.15 -6.02 -34.73
C LEU E 84 20.64 -4.87 -33.85
N LYS E 85 21.87 -4.40 -34.06
CA LYS E 85 22.43 -3.30 -33.25
C LYS E 85 23.31 -2.40 -34.12
N LEU E 86 23.36 -1.11 -33.79
CA LEU E 86 24.19 -0.16 -34.52
C LEU E 86 25.61 -0.71 -34.82
N THR E 87 26.21 -1.34 -33.82
CA THR E 87 27.59 -1.76 -33.95
C THR E 87 27.82 -2.95 -34.93
N ASP E 88 26.77 -3.70 -35.23
CA ASP E 88 26.81 -4.66 -36.35
C ASP E 88 27.34 -4.08 -37.68
N TYR E 89 27.19 -2.76 -37.87
CA TYR E 89 27.61 -2.05 -39.07
C TYR E 89 28.97 -1.36 -38.95
N ARG E 90 29.62 -1.41 -37.80
CA ARG E 90 30.99 -0.90 -37.72
C ARG E 90 31.80 -1.43 -38.91
N GLY E 91 32.53 -0.57 -39.61
CA GLY E 91 33.36 -1.03 -40.70
C GLY E 91 32.72 -0.67 -42.04
N LYS E 92 31.46 -0.26 -42.00
CA LYS E 92 30.70 0.13 -43.19
C LYS E 92 30.01 1.45 -42.91
N TYR E 93 29.72 2.23 -43.94
CA TYR E 93 28.79 3.35 -43.80
C TYR E 93 27.37 2.79 -43.57
N LEU E 94 26.53 3.56 -42.86
CA LEU E 94 25.17 3.16 -42.62
C LEU E 94 24.25 4.33 -42.91
N VAL E 95 23.25 4.05 -43.71
CA VAL E 95 22.14 5.00 -43.87
C VAL E 95 21.01 4.45 -42.98
N PHE E 96 20.71 5.16 -41.89
CA PHE E 96 19.78 4.70 -40.86
C PHE E 96 18.62 5.65 -40.93
N PHE E 97 17.43 5.18 -41.32
CA PHE E 97 16.35 6.16 -41.44
C PHE E 97 15.05 5.69 -40.81
N PHE E 98 14.31 6.65 -40.28
CA PHE E 98 13.06 6.40 -39.62
C PHE E 98 11.95 6.79 -40.56
N TYR E 99 10.84 6.09 -40.47
CA TYR E 99 9.62 6.49 -41.19
C TYR E 99 8.47 6.38 -40.19
N PRO E 100 7.42 7.20 -40.36
CA PRO E 100 6.30 7.28 -39.43
C PRO E 100 5.62 5.92 -39.08
N LEU E 101 4.99 5.28 -40.04
CA LEU E 101 4.10 4.16 -39.71
C LEU E 101 3.96 3.14 -40.84
N ASP E 102 4.02 1.86 -40.48
CA ASP E 102 3.62 0.78 -41.37
C ASP E 102 2.20 1.00 -41.82
N PHE E 103 1.88 0.44 -43.00
CA PHE E 103 0.55 0.53 -43.64
C PHE E 103 0.11 1.99 -43.88
N THR E 104 1.05 2.91 -44.08
CA THR E 104 0.70 4.28 -44.49
C THR E 104 1.13 4.54 -45.92
N PHE E 105 1.63 5.77 -46.19
CA PHE E 105 1.53 6.37 -47.55
C PHE E 105 2.87 6.74 -48.22
N VAL E 106 3.52 7.82 -47.78
CA VAL E 106 4.88 8.10 -48.26
C VAL E 106 5.89 6.98 -47.83
N CYS E 107 5.72 6.48 -46.60
CA CYS E 107 6.60 5.46 -46.02
C CYS E 107 6.98 4.25 -46.94
N PRO E 108 6.00 3.50 -47.48
CA PRO E 108 6.39 2.37 -48.33
C PRO E 108 7.18 2.75 -49.61
N THR E 109 6.93 3.93 -50.18
CA THR E 109 7.64 4.36 -51.37
C THR E 109 9.13 4.61 -51.09
N GLU E 110 9.44 5.10 -49.90
CA GLU E 110 10.81 5.40 -49.50
C GLU E 110 11.56 4.11 -49.21
N ILE E 111 10.91 3.15 -48.56
CA ILE E 111 11.53 1.88 -48.25
C ILE E 111 11.82 1.09 -49.56
N ILE E 112 10.86 1.17 -50.47
CA ILE E 112 10.98 0.51 -51.77
C ILE E 112 12.03 1.22 -52.65
N ALA E 113 12.01 2.54 -52.63
CA ALA E 113 13.01 3.32 -53.38
C ALA E 113 14.43 2.94 -52.98
N PHE E 114 14.71 2.86 -51.67
CA PHE E 114 16.03 2.46 -51.21
C PHE E 114 16.30 1.01 -51.49
N GLY E 115 15.32 0.16 -51.16
CA GLY E 115 15.40 -1.27 -51.37
C GLY E 115 15.69 -1.71 -52.78
N ASP E 116 15.03 -1.11 -53.76
CA ASP E 116 15.29 -1.41 -55.18
C ASP E 116 16.63 -0.87 -55.65
N ARG E 117 17.24 0.04 -54.89
CA ARG E 117 18.53 0.56 -55.32
C ARG E 117 19.66 0.17 -54.36
N LEU E 118 19.41 -0.85 -53.55
CA LEU E 118 20.32 -1.26 -52.49
C LEU E 118 21.74 -1.59 -52.99
N GLU E 119 21.84 -2.16 -54.19
CA GLU E 119 23.14 -2.55 -54.72
C GLU E 119 24.03 -1.34 -54.98
N GLU E 120 23.42 -0.18 -55.26
CA GLU E 120 24.19 1.06 -55.41
C GLU E 120 24.83 1.49 -54.09
N PHE E 121 24.18 1.14 -52.97
CA PHE E 121 24.78 1.38 -51.67
C PHE E 121 25.82 0.30 -51.32
N ARG E 122 25.48 -0.96 -51.54
CA ARG E 122 26.43 -2.04 -51.21
C ARG E 122 27.74 -2.00 -52.00
N SER E 123 27.70 -1.51 -53.24
CA SER E 123 28.91 -1.40 -54.02
C SER E 123 29.84 -0.26 -53.54
N ILE E 124 29.31 0.67 -52.75
CA ILE E 124 30.16 1.62 -52.04
C ILE E 124 30.21 1.32 -50.54
N ASN E 125 30.16 0.05 -50.17
CA ASN E 125 30.41 -0.34 -48.79
C ASN E 125 29.41 0.30 -47.79
N THR E 126 28.15 0.46 -48.22
CA THR E 126 27.13 1.15 -47.44
C THR E 126 25.89 0.26 -47.27
N GLU E 127 25.43 0.15 -46.02
CA GLU E 127 24.20 -0.56 -45.68
C GLU E 127 23.06 0.42 -45.41
N VAL E 128 21.82 -0.08 -45.44
CA VAL E 128 20.63 0.72 -45.18
C VAL E 128 19.73 -0.01 -44.18
N VAL E 129 19.26 0.71 -43.17
CA VAL E 129 18.32 0.15 -42.19
C VAL E 129 17.19 1.15 -42.02
N ALA E 130 15.94 0.66 -42.06
CA ALA E 130 14.74 1.49 -41.83
C ALA E 130 14.11 1.12 -40.48
N CYS E 131 13.49 2.09 -39.82
CA CYS E 131 12.99 1.90 -38.47
C CYS E 131 11.68 2.67 -38.31
N SER E 132 10.70 2.06 -37.64
CA SER E 132 9.52 2.81 -37.21
C SER E 132 9.17 2.27 -35.84
N VAL E 133 8.23 2.91 -35.19
CA VAL E 133 7.77 2.51 -33.86
C VAL E 133 6.89 1.25 -33.87
N ASP E 134 6.49 0.79 -35.05
CA ASP E 134 5.74 -0.46 -35.17
C ASP E 134 6.47 -1.71 -34.63
N SER E 135 5.71 -2.71 -34.22
CA SER E 135 6.25 -3.97 -33.83
C SER E 135 6.83 -4.75 -35.01
N GLN E 136 7.69 -5.72 -34.70
CA GLN E 136 8.23 -6.60 -35.71
C GLN E 136 7.12 -7.40 -36.39
N PHE E 137 6.05 -7.71 -35.66
CA PHE E 137 4.93 -8.46 -36.20
C PHE E 137 4.17 -7.63 -37.25
N THR E 138 3.95 -6.36 -36.97
CA THR E 138 3.40 -5.47 -37.98
C THR E 138 4.34 -5.33 -39.18
N HIS E 139 5.66 -5.12 -38.95
CA HIS E 139 6.62 -5.07 -40.06
C HIS E 139 6.49 -6.29 -40.99
N LEU E 140 6.51 -7.49 -40.38
CA LEU E 140 6.39 -8.74 -41.14
C LEU E 140 5.06 -8.84 -41.91
N ALA E 141 3.95 -8.48 -41.25
CA ALA E 141 2.65 -8.49 -41.94
C ALA E 141 2.65 -7.52 -43.12
N TRP E 142 3.36 -6.41 -42.98
CA TRP E 142 3.44 -5.38 -44.03
C TRP E 142 4.26 -5.88 -45.22
N ILE E 143 5.36 -6.59 -44.90
CA ILE E 143 6.18 -7.26 -45.91
C ILE E 143 5.37 -8.34 -46.66
N ASN E 144 4.55 -9.10 -45.93
CA ASN E 144 3.65 -10.08 -46.51
C ASN E 144 2.40 -9.49 -47.18
N THR E 145 2.31 -8.18 -47.35
CA THR E 145 1.21 -7.51 -48.07
C THR E 145 1.73 -7.07 -49.44
N PRO E 146 1.04 -7.47 -50.54
CA PRO E 146 1.49 -7.12 -51.91
C PRO E 146 1.63 -5.61 -52.12
N ARG E 147 2.63 -5.21 -52.91
CA ARG E 147 2.91 -3.78 -53.16
C ARG E 147 1.68 -3.03 -53.67
N ARG E 148 0.82 -3.73 -54.40
CA ARG E 148 -0.38 -3.15 -54.99
C ARG E 148 -1.36 -2.62 -53.91
N GLN E 149 -1.28 -3.19 -52.71
CA GLN E 149 -2.18 -2.84 -51.61
CA GLN E 149 -2.18 -2.85 -51.60
C GLN E 149 -1.50 -1.91 -50.62
N GLY E 150 -0.48 -1.21 -51.08
CA GLY E 150 0.29 -0.30 -50.24
C GLY E 150 1.24 -1.07 -49.34
N GLY E 151 1.45 -2.35 -49.67
CA GLY E 151 2.35 -3.20 -48.90
C GLY E 151 3.78 -3.03 -49.33
N LEU E 152 4.68 -3.75 -48.69
CA LEU E 152 6.09 -3.66 -49.08
C LEU E 152 6.52 -4.72 -50.07
N GLY E 153 5.88 -5.89 -50.01
CA GLY E 153 6.41 -7.06 -50.69
C GLY E 153 7.73 -7.44 -50.07
N PRO E 154 8.40 -8.46 -50.64
CA PRO E 154 9.74 -8.86 -50.22
C PRO E 154 10.68 -7.64 -50.18
N ILE E 155 11.56 -7.56 -49.21
CA ILE E 155 12.40 -6.38 -49.10
C ILE E 155 13.78 -6.81 -48.60
N ARG E 156 14.82 -6.14 -49.06
CA ARG E 156 16.15 -6.54 -48.66
C ARG E 156 16.73 -5.64 -47.58
N ILE E 157 15.97 -4.63 -47.18
CA ILE E 157 16.41 -3.73 -46.12
C ILE E 157 15.81 -4.19 -44.78
N PRO E 158 16.66 -4.32 -43.73
CA PRO E 158 16.13 -4.65 -42.38
C PRO E 158 15.08 -3.62 -41.94
N LEU E 159 13.98 -4.08 -41.34
CA LEU E 159 13.02 -3.13 -40.75
C LEU E 159 13.14 -3.28 -39.28
N LEU E 160 13.60 -2.23 -38.64
CA LEU E 160 13.88 -2.30 -37.24
C LEU E 160 12.65 -1.82 -36.49
N SER E 161 12.33 -2.47 -35.38
CA SER E 161 11.19 -2.05 -34.57
C SER E 161 11.60 -1.25 -33.33
N ASP E 162 10.95 -0.10 -33.12
CA ASP E 162 11.21 0.75 -31.96
C ASP E 162 9.98 0.94 -31.06
N LEU E 163 9.39 -0.15 -30.64
CA LEU E 163 8.15 -0.14 -29.90
C LEU E 163 8.23 0.66 -28.59
N THR E 164 9.37 0.64 -27.90
CA THR E 164 9.49 1.38 -26.65
C THR E 164 9.70 2.86 -26.94
N HIS E 165 10.00 3.21 -28.19
CA HIS E 165 10.31 4.59 -28.59
C HIS E 165 11.65 5.14 -28.09
N GLN E 166 12.44 4.31 -27.42
CA GLN E 166 13.72 4.81 -26.92
CA GLN E 166 13.77 4.71 -26.92
C GLN E 166 14.67 5.16 -28.07
N ILE E 167 14.66 4.42 -29.17
CA ILE E 167 15.60 4.69 -30.26
C ILE E 167 15.23 6.03 -30.94
N SER E 168 13.95 6.21 -31.20
CA SER E 168 13.41 7.48 -31.78
C SER E 168 13.74 8.73 -30.95
N LYS E 169 13.58 8.63 -29.63
CA LYS E 169 13.88 9.73 -28.71
C LYS E 169 15.38 10.07 -28.70
N ASP E 170 16.21 9.02 -28.69
CA ASP E 170 17.67 9.16 -28.71
C ASP E 170 18.11 9.85 -29.99
N TYR E 171 17.43 9.54 -31.10
CA TYR E 171 17.77 10.17 -32.37
C TYR E 171 17.01 11.48 -32.57
N GLY E 172 16.16 11.86 -31.63
CA GLY E 172 15.48 13.19 -31.73
C GLY E 172 14.42 13.31 -32.82
N VAL E 173 13.83 12.19 -33.22
CA VAL E 173 12.84 12.17 -34.30
C VAL E 173 11.43 11.77 -33.81
N TYR E 174 11.27 11.57 -32.52
CA TYR E 174 9.98 11.15 -31.94
C TYR E 174 8.99 12.32 -31.85
N LEU E 175 7.75 12.13 -32.28
CA LEU E 175 6.74 13.23 -32.13
C LEU E 175 5.86 12.89 -30.96
N GLU E 176 6.06 13.61 -29.85
CA GLU E 176 5.35 13.28 -28.61
CA GLU E 176 5.35 13.36 -28.57
C GLU E 176 3.82 13.31 -28.71
N ASP E 177 3.29 14.18 -29.55
CA ASP E 177 1.86 14.32 -29.71
CA ASP E 177 1.86 14.32 -29.70
C ASP E 177 1.26 13.27 -30.64
N SER E 178 2.10 12.61 -31.43
CA SER E 178 1.59 11.64 -32.41
C SER E 178 1.88 10.20 -32.04
N GLY E 179 2.96 9.98 -31.29
CA GLY E 179 3.38 8.63 -30.95
C GLY E 179 4.14 7.89 -32.04
N HIS E 180 4.69 8.60 -33.02
CA HIS E 180 5.55 7.96 -34.00
C HIS E 180 6.63 8.98 -34.39
N THR E 181 7.44 8.68 -35.38
CA THR E 181 8.54 9.57 -35.76
C THR E 181 8.19 10.43 -36.95
N LEU E 182 8.95 11.49 -37.19
CA LEU E 182 8.88 12.15 -38.48
C LEU E 182 9.80 11.41 -39.47
N ARG E 183 10.10 12.01 -40.62
CA ARG E 183 10.99 11.34 -41.61
C ARG E 183 12.45 11.76 -41.37
N GLY E 184 13.20 11.00 -40.58
CA GLY E 184 14.57 11.41 -40.24
C GLY E 184 15.57 10.42 -40.78
N LEU E 185 16.62 10.90 -41.43
CA LEU E 185 17.60 10.02 -42.01
C LEU E 185 18.97 10.43 -41.46
N PHE E 186 19.84 9.45 -41.21
CA PHE E 186 21.10 9.65 -40.55
C PHE E 186 22.14 8.89 -41.31
N ILE E 187 23.24 9.57 -41.63
CA ILE E 187 24.33 8.90 -42.32
C ILE E 187 25.43 8.69 -41.31
N ILE E 188 25.83 7.44 -41.12
CA ILE E 188 26.79 7.12 -40.08
C ILE E 188 27.99 6.46 -40.76
N ASP E 189 29.21 6.90 -40.40
CA ASP E 189 30.38 6.42 -41.12
C ASP E 189 30.86 5.08 -40.59
N ASP E 190 31.89 4.55 -41.24
CA ASP E 190 32.41 3.25 -40.90
C ASP E 190 33.00 3.24 -39.49
N LYS E 191 33.28 4.42 -38.91
CA LYS E 191 33.78 4.44 -37.56
C LYS E 191 32.68 4.66 -36.53
N GLY E 192 31.43 4.70 -36.97
CA GLY E 192 30.30 4.85 -36.07
C GLY E 192 30.00 6.33 -35.78
N ILE E 193 30.63 7.25 -36.49
CA ILE E 193 30.47 8.67 -36.23
C ILE E 193 29.36 9.22 -37.11
N LEU E 194 28.52 10.06 -36.53
CA LEU E 194 27.39 10.60 -37.25
C LEU E 194 27.89 11.72 -38.16
N ARG E 195 27.58 11.66 -39.45
CA ARG E 195 28.06 12.68 -40.42
C ARG E 195 26.99 13.62 -40.97
N GLN E 196 25.72 13.21 -40.94
CA GLN E 196 24.70 13.94 -41.68
C GLN E 196 23.33 13.64 -41.07
N ILE E 197 22.47 14.66 -40.98
CA ILE E 197 21.14 14.47 -40.44
C ILE E 197 20.17 15.16 -41.37
N THR E 198 19.14 14.44 -41.81
CA THR E 198 18.14 15.00 -42.70
C THR E 198 16.79 14.71 -42.05
N LEU E 199 16.04 15.75 -41.67
CA LEU E 199 14.70 15.61 -41.08
C LEU E 199 13.67 16.31 -41.96
N ASN E 200 12.68 15.55 -42.43
CA ASN E 200 11.52 16.03 -43.20
C ASN E 200 10.26 15.98 -42.39
N ASP E 201 9.48 17.05 -42.40
CA ASP E 201 8.08 16.97 -42.02
C ASP E 201 7.35 15.84 -42.81
N LEU E 202 6.24 15.36 -42.24
CA LEU E 202 5.52 14.16 -42.72
C LEU E 202 5.15 14.07 -44.22
N PRO E 203 4.64 15.16 -44.82
CA PRO E 203 4.09 15.09 -46.18
C PRO E 203 5.10 14.87 -47.32
N VAL E 204 6.40 14.91 -47.03
CA VAL E 204 7.40 15.00 -48.09
C VAL E 204 8.49 13.94 -47.95
N GLY E 205 8.57 13.04 -48.93
CA GLY E 205 9.58 11.98 -48.88
C GLY E 205 11.00 12.41 -49.16
N ARG E 206 11.93 11.49 -48.91
CA ARG E 206 13.35 11.70 -49.09
C ARG E 206 13.81 11.31 -50.50
N SER E 207 15.08 11.51 -50.80
CA SER E 207 15.66 11.24 -52.14
C SER E 207 16.83 10.24 -52.05
N VAL E 208 16.74 9.15 -52.81
CA VAL E 208 17.84 8.19 -52.84
C VAL E 208 19.09 8.80 -53.50
N ASP E 209 18.89 9.53 -54.61
CA ASP E 209 19.97 10.27 -55.28
C ASP E 209 20.78 11.17 -54.34
N GLU E 210 20.09 11.96 -53.53
CA GLU E 210 20.74 12.88 -52.59
C GLU E 210 21.48 12.10 -51.51
N THR E 211 20.91 10.99 -51.06
CA THR E 211 21.55 10.16 -50.03
C THR E 211 22.85 9.54 -50.55
N LEU E 212 22.79 8.97 -51.74
CA LEU E 212 23.98 8.48 -52.45
C LEU E 212 25.08 9.54 -52.62
N ARG E 213 24.71 10.74 -53.06
CA ARG E 213 25.67 11.81 -53.25
C ARG E 213 26.40 12.15 -51.97
N LEU E 214 25.64 12.22 -50.87
CA LEU E 214 26.21 12.47 -49.55
C LEU E 214 27.14 11.35 -49.10
N VAL E 215 26.71 10.11 -49.24
CA VAL E 215 27.59 9.00 -48.84
C VAL E 215 28.90 9.09 -49.63
N GLN E 216 28.80 9.26 -50.96
CA GLN E 216 29.99 9.35 -51.82
C GLN E 216 30.89 10.50 -51.40
N ALA E 217 30.31 11.66 -51.17
CA ALA E 217 31.08 12.82 -50.74
C ALA E 217 31.79 12.62 -49.40
N PHE E 218 31.12 12.03 -48.40
CA PHE E 218 31.78 11.75 -47.12
C PHE E 218 32.93 10.73 -47.28
N GLN E 219 32.72 9.72 -48.09
CA GLN E 219 33.77 8.74 -48.33
C GLN E 219 34.92 9.35 -49.10
N TYR E 220 34.62 10.29 -50.00
CA TYR E 220 35.70 10.96 -50.73
C TYR E 220 36.54 11.81 -49.75
N THR E 221 35.86 12.61 -48.94
CA THR E 221 36.60 13.49 -48.03
C THR E 221 37.27 12.69 -46.91
N ASP E 222 36.76 11.50 -46.58
CA ASP E 222 37.46 10.60 -45.63
C ASP E 222 38.85 10.22 -46.15
N LYS E 223 38.94 9.96 -47.44
CA LYS E 223 40.10 9.34 -48.06
C LYS E 223 41.12 10.38 -48.58
N HIS E 224 40.65 11.56 -48.96
CA HIS E 224 41.49 12.61 -49.55
C HIS E 224 41.61 13.85 -48.65
N GLY E 225 42.66 14.64 -48.85
CA GLY E 225 42.89 15.83 -48.00
C GLY E 225 41.89 16.97 -48.25
N GLU E 226 41.10 16.84 -49.32
CA GLU E 226 40.27 17.92 -49.83
C GLU E 226 38.79 17.86 -49.39
N VAL E 227 38.08 18.97 -49.62
CA VAL E 227 36.69 19.10 -49.21
C VAL E 227 35.78 19.30 -50.45
N CYS E 228 34.51 18.94 -50.30
CA CYS E 228 33.56 18.91 -51.42
C CYS E 228 32.71 20.16 -51.45
N PRO E 229 32.80 20.94 -52.54
CA PRO E 229 31.96 22.12 -52.68
C PRO E 229 30.48 21.76 -52.84
N ALA E 230 29.62 22.78 -52.81
CA ALA E 230 28.17 22.65 -53.07
C ALA E 230 27.94 21.80 -54.32
N GLY E 231 27.03 20.82 -54.23
CA GLY E 231 26.58 20.06 -55.41
C GLY E 231 27.58 19.04 -55.94
N TRP E 232 28.64 18.76 -55.18
CA TRP E 232 29.69 17.82 -55.58
C TRP E 232 29.15 16.42 -55.96
N LYS E 233 29.57 15.92 -57.12
CA LYS E 233 29.34 14.51 -57.51
C LYS E 233 30.70 13.89 -57.83
N PRO E 234 30.80 12.52 -57.77
CA PRO E 234 32.05 11.88 -58.22
C PRO E 234 32.54 12.51 -59.53
N GLY E 235 33.81 12.90 -59.55
CA GLY E 235 34.42 13.53 -60.71
C GLY E 235 34.41 15.05 -60.69
N SER E 236 33.69 15.66 -59.73
CA SER E 236 33.64 17.13 -59.62
C SER E 236 34.94 17.64 -59.00
N GLU E 237 35.21 18.94 -59.21
CA GLU E 237 36.37 19.59 -58.60
CA GLU E 237 36.36 19.64 -58.60
C GLU E 237 36.19 19.73 -57.07
N THR E 238 37.32 19.63 -56.36
CA THR E 238 37.35 19.75 -54.89
C THR E 238 38.34 20.85 -54.49
N ILE E 239 38.36 21.17 -53.18
CA ILE E 239 39.19 22.25 -52.63
C ILE E 239 40.16 21.79 -51.54
N ILE E 240 41.42 22.22 -51.65
CA ILE E 240 42.42 22.07 -50.58
C ILE E 240 42.10 23.11 -49.50
N PRO E 241 41.69 22.65 -48.27
CA PRO E 241 41.24 23.55 -47.19
C PRO E 241 42.42 24.27 -46.55
N ASP E 242 43.04 25.14 -47.34
CA ASP E 242 44.23 25.87 -46.98
C ASP E 242 44.06 27.25 -47.62
N PRO E 243 44.41 28.34 -46.90
CA PRO E 243 44.25 29.65 -47.50
C PRO E 243 45.13 29.88 -48.77
N ALA E 244 46.26 29.17 -48.90
CA ALA E 244 47.08 29.16 -50.13
C ALA E 244 46.60 28.08 -51.13
N GLY E 245 46.53 26.83 -50.65
CA GLY E 245 46.00 25.70 -51.43
C GLY E 245 44.65 25.90 -52.14
N LYS E 246 43.70 26.58 -51.48
CA LYS E 246 42.34 26.82 -52.00
C LYS E 246 42.31 27.53 -53.36
N LEU E 247 43.35 28.33 -53.64
CA LEU E 247 43.45 29.14 -54.87
C LEU E 247 43.51 28.32 -56.17
N LYS E 248 43.99 27.07 -56.07
CA LYS E 248 44.00 26.13 -57.21
C LYS E 248 42.57 25.89 -57.72
N TYR E 249 41.64 25.76 -56.76
CA TYR E 249 40.23 25.58 -57.10
C TYR E 249 39.58 26.89 -57.56
N PHE E 250 39.78 27.99 -56.82
CA PHE E 250 39.09 29.27 -57.12
C PHE E 250 39.54 30.00 -58.38
N ASP E 251 40.68 29.60 -58.96
CA ASP E 251 41.21 30.21 -60.22
C ASP E 251 40.73 29.59 -61.56
S SO4 F . 2.65 25.40 40.32
O1 SO4 F . 3.93 24.75 40.58
O2 SO4 F . 2.78 26.27 39.16
O3 SO4 F . 1.64 24.37 40.09
O4 SO4 F . 2.24 26.22 41.46
S SO4 G . 3.37 24.36 26.43
O1 SO4 G . 4.39 23.30 26.30
O2 SO4 G . 3.50 25.30 25.31
O3 SO4 G . 2.04 23.76 26.40
O4 SO4 G . 3.56 25.11 27.68
S SO4 H . 4.61 -19.17 35.32
O1 SO4 H . 5.64 -18.73 34.39
O2 SO4 H . 3.38 -18.39 35.14
O3 SO4 H . 4.32 -20.59 35.06
O4 SO4 H . 5.07 -19.02 36.70
S SO4 I . 21.55 3.03 43.72
O1 SO4 I . 22.60 2.72 44.68
O2 SO4 I . 21.83 4.35 43.14
O3 SO4 I . 21.51 2.02 42.66
O4 SO4 I . 20.25 3.01 44.40
S SO4 J . 6.81 0.28 17.98
O1 SO4 J . 8.09 0.25 17.26
O2 SO4 J . 6.03 1.45 17.56
O3 SO4 J . 6.08 -0.97 17.74
O4 SO4 J . 7.09 0.42 19.42
S SO4 K . -1.91 -8.84 23.69
O1 SO4 K . -1.25 -8.44 24.93
O2 SO4 K . -1.01 -8.70 22.56
O3 SO4 K . -2.30 -10.25 23.80
O4 SO4 K . -3.10 -8.02 23.48
S SO4 L . -13.84 27.55 46.92
O1 SO4 L . -12.89 26.61 47.53
O2 SO4 L . -13.16 28.20 45.79
O3 SO4 L . -15.04 26.87 46.46
O4 SO4 L . -14.25 28.57 47.89
S SO4 M . -17.47 -5.28 4.24
O1 SO4 M . -16.59 -6.42 4.52
O2 SO4 M . -16.91 -4.05 4.78
O3 SO4 M . -17.61 -5.16 2.79
O4 SO4 M . -18.79 -5.50 4.82
S SO4 N . -8.86 4.55 -0.74
O1 SO4 N . -7.46 4.13 -0.58
O2 SO4 N . -8.91 6.01 -0.86
O3 SO4 N . -9.40 3.95 -1.95
O4 SO4 N . -9.65 4.13 0.41
S SO4 O . 5.41 -27.84 -27.06
O1 SO4 O . 5.30 -29.09 -27.80
O2 SO4 O . 6.42 -26.99 -27.68
O3 SO4 O . 4.12 -27.15 -27.06
O4 SO4 O . 5.83 -28.14 -25.69
S SO4 P . 3.50 -11.50 -27.67
O1 SO4 P . 3.47 -12.57 -26.67
O2 SO4 P . 4.21 -10.35 -27.13
O3 SO4 P . 4.19 -11.97 -28.87
O4 SO4 P . 2.11 -11.11 -28.00
S SO4 Q . 8.74 -4.03 -18.12
O1 SO4 Q . 9.43 -5.04 -17.32
O2 SO4 Q . 9.53 -2.81 -18.11
O3 SO4 Q . 8.58 -4.51 -19.49
O4 SO4 Q . 7.45 -3.76 -17.50
S SO4 R . -33.09 -6.12 -2.37
O1 SO4 R . -31.91 -6.98 -2.40
O2 SO4 R . -32.70 -4.71 -2.48
O3 SO4 R . -33.97 -6.46 -3.48
O4 SO4 R . -33.80 -6.35 -1.10
S SO4 S . 44.98 14.28 -51.24
O1 SO4 S . 45.27 14.57 -49.84
O2 SO4 S . 46.09 14.73 -52.07
O3 SO4 S . 44.81 12.83 -51.41
O4 SO4 S . 43.76 14.96 -51.65
S SO4 T . 1.11 9.46 -41.60
O1 SO4 T . 2.09 8.37 -41.67
O2 SO4 T . 1.74 10.69 -42.07
O3 SO4 T . -0.04 9.16 -42.46
O4 SO4 T . 0.65 9.62 -40.23
#